data_9OAW
#
_entry.id   9OAW
#
_cell.length_a   86.437
_cell.length_b   108.253
_cell.length_c   123.775
_cell.angle_alpha   90.000
_cell.angle_beta   90.000
_cell.angle_gamma   90.000
#
_symmetry.space_group_name_H-M   'P 21 21 21'
#
loop_
_entity.id
_entity.type
_entity.pdbx_description
1 polymer '10-92, TNA polymerase'
2 polymer Template
3 polymer Primer
4 non-polymer 'MAGNESIUM ION'
5 water water
#
loop_
_entity_poly.entity_id
_entity_poly.type
_entity_poly.pdbx_seq_one_letter_code
_entity_poly.pdbx_strand_id
1 'polypeptide(L)'
;MILDTDYITEDGKPVIRIFKKENGEFKIEYDRTFEPYFYALLKDDSAIEEVKKITAERHGTVVTVKRVEKVQKKFLGRPV
EVWKLYFTHPQDVPAIRDRIRAHPAVVDIYEYDIPFAKRYLIDKGLIPMEGDEELTMLAFAIATLYHEGEEFAEGPILMI
SYADEEGARVITWKNVDLPYVDVVSTEREMIKRFLRVVKEKDPDVLITYNGDNFDFAYLKKRCEKLGINFALGRDGSEPK
IQRMGDRFAVEVKGRIHFDLYPVIRRTINLPTYTLEAVYEAVFGKPKEKVYAEEIAQAWETGEGLERVARYSMEDAKVTY
ELGKEFLPMEAQLSRLVGHPLWDVSRSSTGNLVEWYLLRKAYERNELAPNKPDEREYERRLRESYAGGYVKEPEKGLWEN
IVYLDFRSLYPSIIITHNVSPDTLNREGCKEYDVAPQVGHRFCKDFPGFIPSLLGDLLEERQKIKRKMKATVDLLEKKLL
DYRQRRIKILASGYYGYYGYARARWYCKECAESVTAWGRQYIETTIREIEEKFGFKVLYADTDGFFAPIHGADAETVKKK
AKEFLDYINAKLPGLLELEYEGFYKRGFFVTKKKYAVIDEEDKITTGGLEIVRRGWSEIAKETQARVLEALLKDGDVEKA
VRIVKEVTEKLSKYEVPPEKLVIHEQITRDLRDYKATGPHVAVAKRLAARGVKIRPGTVISYIVLKGSGRIGDRAISFDE
FDPAKHKYDAEYYIENQVLPPVERILRACGYRKEDLRYQKTRQVGLSAWLTPKGT
;
A
2 'polydeoxyribonucleotide' (DA)(DA)(DA)(DC)(DG)(DT)(DA)(DC)(DG)(DC)(DA)(DG)(DT)(DT)(DC)(DG)(DC)(DG) T
3 'polydeoxyribonucleotide' (DC)(DG)(DC)(DG)(DA)(DA)(DC)(DT)(DG)(DC)(DG)(TFT)(FA2) P
#
loop_
_chem_comp.id
_chem_comp.type
_chem_comp.name
_chem_comp.formula
DA DNA linking 2'-DEOXYADENOSINE-5'-MONOPHOSPHATE 'C10 H14 N5 O6 P'
DC DNA linking 2'-DEOXYCYTIDINE-5'-MONOPHOSPHATE 'C9 H14 N3 O7 P'
DG DNA linking 2'-DEOXYGUANOSINE-5'-MONOPHOSPHATE 'C10 H14 N5 O7 P'
DT DNA linking THYMIDINE-5'-MONOPHOSPHATE 'C10 H15 N2 O8 P'
FA2 RNA linking '5-(6-AMINO-9H-PURIN-9-YL)-4-HYDROXYTETRAHYDROFURAN-3-YL DIHYDROGEN PHOSPHATE' 'C9 H12 N5 O6 P'
MG non-polymer 'MAGNESIUM ION' 'Mg 2'
TFT DNA linking (L)-ALPHA-THREOFURANOSYL-THYMINE-3'-MONOPHOSPHATE 'C9 H13 N2 O8 P'
#
# COMPACT_ATOMS: atom_id res chain seq x y z
N MET A 1 8.48 16.66 20.71
CA MET A 1 7.85 15.77 19.74
C MET A 1 8.07 14.31 20.10
N ILE A 2 6.98 13.61 20.38
CA ILE A 2 7.05 12.18 20.70
C ILE A 2 7.33 11.41 19.42
N LEU A 3 8.44 10.65 19.42
CA LEU A 3 8.84 9.89 18.25
C LEU A 3 8.22 8.49 18.25
N ASP A 4 8.40 7.73 19.33
CA ASP A 4 7.92 6.37 19.42
C ASP A 4 7.78 6.01 20.89
N THR A 5 7.24 4.81 21.13
CA THR A 5 7.11 4.29 22.48
C THR A 5 7.37 2.79 22.46
N ASP A 6 7.99 2.31 23.53
CA ASP A 6 8.13 0.87 23.77
C ASP A 6 8.19 0.68 25.28
N TYR A 7 8.42 -0.57 25.70
CA TYR A 7 8.57 -0.84 27.12
C TYR A 7 9.66 -1.87 27.33
N ILE A 8 10.37 -1.73 28.44
CA ILE A 8 11.39 -2.68 28.87
C ILE A 8 10.99 -3.21 30.23
N THR A 9 11.49 -4.40 30.56
CA THR A 9 11.20 -5.05 31.83
C THR A 9 12.38 -4.85 32.78
N GLU A 10 12.14 -4.16 33.89
CA GLU A 10 13.16 -3.88 34.89
C GLU A 10 12.72 -4.54 36.20
N ASP A 11 13.39 -5.64 36.54
CA ASP A 11 13.10 -6.40 37.77
C ASP A 11 11.65 -6.86 37.79
N GLY A 12 11.23 -7.51 36.72
CA GLY A 12 9.88 -8.05 36.61
C GLY A 12 8.78 -7.03 36.44
N LYS A 13 9.12 -5.74 36.30
CA LYS A 13 8.12 -4.71 36.14
C LYS A 13 8.31 -3.98 34.82
N PRO A 14 7.23 -3.58 34.16
CA PRO A 14 7.36 -2.88 32.87
C PRO A 14 7.64 -1.40 33.06
N VAL A 15 8.49 -0.86 32.20
CA VAL A 15 8.85 0.55 32.22
C VAL A 15 8.61 1.11 30.82
N ILE A 16 7.64 2.02 30.71
CA ILE A 16 7.35 2.65 29.43
C ILE A 16 8.46 3.62 29.08
N ARG A 17 8.99 3.52 27.86
CA ARG A 17 9.98 4.45 27.35
C ARG A 17 9.34 5.29 26.26
N ILE A 18 9.41 6.61 26.41
CA ILE A 18 8.88 7.56 25.44
C ILE A 18 10.05 8.22 24.75
N PHE A 19 10.34 7.79 23.53
CA PHE A 19 11.41 8.39 22.73
C PHE A 19 10.91 9.73 22.17
N LYS A 20 11.58 10.81 22.54
CA LYS A 20 11.17 12.15 22.15
C LYS A 20 12.35 12.91 21.56
N LYS A 21 12.02 13.96 20.81
CA LYS A 21 13.02 14.89 20.27
C LYS A 21 12.53 16.30 20.60
N GLU A 22 13.10 16.91 21.63
CA GLU A 22 12.73 18.24 22.08
C GLU A 22 13.97 19.12 22.11
N ASN A 23 13.85 20.33 21.54
CA ASN A 23 14.91 21.33 21.59
C ASN A 23 16.20 20.82 20.98
N GLY A 24 16.08 20.11 19.86
CA GLY A 24 17.22 19.52 19.20
C GLY A 24 17.88 18.38 19.95
N GLU A 25 17.31 17.93 21.06
CA GLU A 25 17.88 16.87 21.87
C GLU A 25 17.01 15.63 21.82
N PHE A 26 17.65 14.47 21.69
CA PHE A 26 16.95 13.19 21.81
C PHE A 26 16.82 12.85 23.29
N LYS A 27 15.60 12.56 23.73
CA LYS A 27 15.32 12.29 25.14
C LYS A 27 14.47 11.04 25.27
N ILE A 28 14.74 10.28 26.33
CA ILE A 28 13.97 9.10 26.68
C ILE A 28 13.31 9.35 28.03
N GLU A 29 11.99 9.41 28.04
CA GLU A 29 11.22 9.59 29.27
C GLU A 29 10.73 8.23 29.74
N TYR A 30 10.96 7.92 31.01
CA TYR A 30 10.60 6.64 31.59
C TYR A 30 9.35 6.78 32.45
N ASP A 31 8.41 5.86 32.29
CA ASP A 31 7.18 5.83 33.06
C ASP A 31 7.01 4.42 33.63
N ARG A 32 7.06 4.31 34.96
CA ARG A 32 6.94 3.03 35.64
C ARG A 32 5.59 2.89 36.35
N THR A 33 4.65 3.78 36.10
CA THR A 33 3.37 3.78 36.80
C THR A 33 2.22 3.22 35.99
N PHE A 34 2.42 2.97 34.69
CA PHE A 34 1.33 2.51 33.84
C PHE A 34 1.11 1.01 34.02
N GLU A 35 -0.13 0.62 34.29
CA GLU A 35 -0.48 -0.76 34.54
C GLU A 35 -1.27 -1.34 33.38
N PRO A 36 -0.91 -2.52 32.88
CA PRO A 36 -1.73 -3.17 31.87
C PRO A 36 -3.05 -3.65 32.42
N TYR A 37 -4.03 -3.80 31.54
CA TYR A 37 -5.38 -4.15 31.97
C TYR A 37 -6.16 -4.71 30.80
N PHE A 38 -7.30 -5.33 31.12
CA PHE A 38 -8.34 -5.63 30.14
C PHE A 38 -9.64 -5.80 30.91
N TYR A 39 -10.75 -5.82 30.17
CA TYR A 39 -12.08 -5.81 30.75
C TYR A 39 -12.71 -7.20 30.73
N ALA A 40 -13.69 -7.40 31.62
CA ALA A 40 -14.43 -8.64 31.71
C ALA A 40 -15.88 -8.32 32.06
N LEU A 41 -16.81 -8.93 31.34
CA LEU A 41 -18.24 -8.77 31.59
C LEU A 41 -18.74 -9.97 32.38
N LEU A 42 -19.42 -9.70 33.50
CA LEU A 42 -19.84 -10.74 34.42
C LEU A 42 -21.36 -10.87 34.43
N LYS A 43 -21.84 -12.08 34.73
CA LYS A 43 -23.27 -12.28 34.92
C LYS A 43 -23.75 -11.63 36.21
N ASP A 44 -22.98 -11.80 37.30
CA ASP A 44 -23.28 -11.20 38.57
C ASP A 44 -21.99 -10.67 39.18
N ASP A 45 -22.07 -9.50 39.82
CA ASP A 45 -20.90 -8.91 40.45
C ASP A 45 -20.35 -9.77 41.58
N SER A 46 -21.17 -10.68 42.12
CA SER A 46 -20.73 -11.51 43.23
C SER A 46 -19.60 -12.46 42.85
N ALA A 47 -19.40 -12.71 41.56
CA ALA A 47 -18.38 -13.64 41.09
C ALA A 47 -17.02 -13.00 40.92
N ILE A 48 -16.89 -11.69 41.18
CA ILE A 48 -15.61 -11.02 40.97
C ILE A 48 -14.55 -11.55 41.93
N GLU A 49 -14.96 -12.06 43.09
CA GLU A 49 -13.99 -12.56 44.05
C GLU A 49 -13.37 -13.88 43.59
N GLU A 50 -14.14 -14.72 42.91
CA GLU A 50 -13.58 -15.96 42.38
C GLU A 50 -12.79 -15.71 41.11
N VAL A 51 -13.16 -14.70 40.32
CA VAL A 51 -12.36 -14.34 39.16
C VAL A 51 -11.00 -13.78 39.59
N LYS A 52 -10.95 -13.10 40.74
CA LYS A 52 -9.70 -12.56 41.23
C LYS A 52 -8.71 -13.66 41.61
N LYS A 53 -9.21 -14.85 41.95
CA LYS A 53 -8.35 -15.95 42.35
C LYS A 53 -7.78 -16.74 41.17
N ILE A 54 -8.17 -16.40 39.94
CA ILE A 54 -7.67 -17.12 38.78
C ILE A 54 -6.20 -16.78 38.55
N THR A 55 -5.38 -17.81 38.37
CA THR A 55 -3.95 -17.65 38.16
C THR A 55 -3.53 -18.30 36.85
N ALA A 56 -2.32 -17.97 36.42
CA ALA A 56 -1.72 -18.56 35.23
C ALA A 56 -0.22 -18.54 35.40
N GLU A 57 0.48 -19.15 34.44
CA GLU A 57 1.93 -19.21 34.47
C GLU A 57 2.50 -18.67 33.16
N ARG A 58 3.69 -18.08 33.27
CA ARG A 58 4.36 -17.47 32.12
C ARG A 58 5.86 -17.54 32.37
N HIS A 59 6.56 -18.23 31.45
CA HIS A 59 7.96 -18.66 31.56
C HIS A 59 8.56 -18.54 32.95
N GLY A 60 7.96 -19.25 33.91
CA GLY A 60 8.48 -19.31 35.26
C GLY A 60 7.86 -18.34 36.23
N THR A 61 6.95 -17.48 35.78
CA THR A 61 6.36 -16.43 36.61
C THR A 61 4.89 -16.75 36.84
N VAL A 62 4.48 -16.72 38.11
CA VAL A 62 3.08 -16.91 38.47
C VAL A 62 2.32 -15.62 38.20
N VAL A 63 1.26 -15.72 37.40
CA VAL A 63 0.46 -14.57 37.01
C VAL A 63 -0.80 -14.53 37.87
N THR A 64 -1.06 -13.37 38.48
CA THR A 64 -2.25 -13.17 39.30
C THR A 64 -2.92 -11.87 38.90
N VAL A 65 -4.18 -11.73 39.28
CA VAL A 65 -4.92 -10.49 39.10
C VAL A 65 -4.43 -9.49 40.15
N LYS A 66 -3.84 -8.39 39.69
CA LYS A 66 -3.29 -7.42 40.62
C LYS A 66 -4.40 -6.68 41.38
N ARG A 67 -5.44 -6.28 40.68
CA ARG A 67 -6.50 -5.46 41.26
C ARG A 67 -7.62 -5.33 40.23
N VAL A 68 -8.86 -5.27 40.73
CA VAL A 68 -10.03 -5.10 39.88
C VAL A 68 -10.76 -3.83 40.27
N GLU A 69 -11.61 -3.37 39.36
CA GLU A 69 -12.31 -2.10 39.54
C GLU A 69 -13.48 -2.04 38.57
N LYS A 70 -14.68 -1.81 39.10
CA LYS A 70 -15.88 -1.77 38.27
C LYS A 70 -16.01 -0.40 37.62
N VAL A 71 -16.29 -0.40 36.31
CA VAL A 71 -16.40 0.83 35.54
C VAL A 71 -17.67 0.79 34.70
N GLN A 72 -18.23 1.97 34.46
CA GLN A 72 -19.38 2.12 33.58
C GLN A 72 -18.93 2.72 32.26
N LYS A 73 -19.11 1.95 31.18
CA LYS A 73 -18.73 2.42 29.85
C LYS A 73 -19.89 2.28 28.88
N LYS A 74 -19.63 2.47 27.59
CA LYS A 74 -20.62 2.30 26.55
C LYS A 74 -20.13 1.27 25.54
N PHE A 75 -21.02 0.40 25.10
CA PHE A 75 -20.74 -0.54 24.03
C PHE A 75 -21.70 -0.24 22.88
N LEU A 76 -21.15 0.24 21.76
CA LEU A 76 -21.95 0.68 20.61
C LEU A 76 -22.98 1.71 21.05
N GLY A 77 -22.54 2.64 21.90
CA GLY A 77 -23.40 3.70 22.39
C GLY A 77 -24.28 3.35 23.57
N ARG A 78 -24.46 2.07 23.86
CA ARG A 78 -25.37 1.67 24.93
C ARG A 78 -24.60 1.47 26.23
N PRO A 79 -25.10 1.99 27.35
CA PRO A 79 -24.36 1.88 28.61
C PRO A 79 -24.15 0.43 29.02
N VAL A 80 -22.95 0.15 29.53
CA VAL A 80 -22.56 -1.19 29.93
C VAL A 80 -21.70 -1.10 31.18
N GLU A 81 -21.80 -2.11 32.04
CA GLU A 81 -21.01 -2.21 33.25
C GLU A 81 -20.04 -3.37 33.12
N VAL A 82 -18.74 -3.09 33.24
CA VAL A 82 -17.71 -4.10 33.10
C VAL A 82 -16.70 -3.95 34.22
N TRP A 83 -15.91 -4.99 34.42
CA TRP A 83 -14.87 -5.01 35.44
C TRP A 83 -13.50 -4.81 34.80
N LYS A 84 -12.73 -3.87 35.32
CA LYS A 84 -11.39 -3.58 34.84
C LYS A 84 -10.39 -4.38 35.68
N LEU A 85 -9.70 -5.33 35.05
CA LEU A 85 -8.74 -6.18 35.73
C LEU A 85 -7.32 -5.69 35.45
N TYR A 86 -6.58 -5.38 36.51
CA TYR A 86 -5.22 -4.86 36.39
C TYR A 86 -4.21 -5.98 36.61
N PHE A 87 -3.02 -5.81 36.04
CA PHE A 87 -1.95 -6.79 36.15
C PHE A 87 -0.61 -6.08 36.27
N THR A 88 0.40 -6.83 36.71
CA THR A 88 1.73 -6.25 36.90
C THR A 88 2.45 -6.05 35.58
N HIS A 89 2.52 -7.10 34.75
CA HIS A 89 3.24 -7.09 33.49
C HIS A 89 2.28 -7.26 32.33
N PRO A 90 2.51 -6.56 31.21
CA PRO A 90 1.62 -6.72 30.06
C PRO A 90 1.56 -8.15 29.53
N GLN A 91 2.65 -8.90 29.63
CA GLN A 91 2.63 -10.29 29.19
C GLN A 91 1.82 -11.19 30.10
N ASP A 92 1.35 -10.68 31.24
CA ASP A 92 0.42 -11.44 32.06
C ASP A 92 -0.92 -11.63 31.38
N VAL A 93 -1.33 -10.67 30.56
CA VAL A 93 -2.65 -10.69 29.92
C VAL A 93 -2.76 -11.86 28.94
N PRO A 94 -1.82 -12.07 28.02
CA PRO A 94 -1.95 -13.24 27.13
C PRO A 94 -1.94 -14.57 27.87
N ALA A 95 -1.27 -14.65 29.01
CA ALA A 95 -1.17 -15.91 29.74
C ALA A 95 -2.45 -16.24 30.51
N ILE A 96 -3.20 -15.24 30.93
CA ILE A 96 -4.33 -15.46 31.83
C ILE A 96 -5.68 -15.18 31.19
N ARG A 97 -5.73 -14.51 30.03
CA ARG A 97 -7.00 -14.03 29.51
C ARG A 97 -7.93 -15.18 29.14
N ASP A 98 -7.38 -16.24 28.55
CA ASP A 98 -8.22 -17.38 28.14
C ASP A 98 -8.85 -18.06 29.35
N ARG A 99 -8.10 -18.18 30.44
CA ARG A 99 -8.64 -18.81 31.65
C ARG A 99 -9.71 -17.95 32.29
N ILE A 100 -9.60 -16.63 32.18
CA ILE A 100 -10.60 -15.75 32.77
C ILE A 100 -11.90 -15.80 31.98
N ARG A 101 -11.80 -15.78 30.65
CA ARG A 101 -13.00 -15.90 29.83
C ARG A 101 -13.67 -17.25 30.01
N ALA A 102 -12.89 -18.31 30.24
CA ALA A 102 -13.44 -19.65 30.42
C ALA A 102 -14.23 -19.81 31.70
N HIS A 103 -14.17 -18.83 32.60
CA HIS A 103 -14.97 -18.91 33.82
C HIS A 103 -16.46 -18.83 33.47
N PRO A 104 -17.29 -19.69 34.07
CA PRO A 104 -18.71 -19.71 33.70
C PRO A 104 -19.44 -18.41 33.96
N ALA A 105 -19.00 -17.63 34.94
CA ALA A 105 -19.64 -16.35 35.24
C ALA A 105 -19.13 -15.21 34.36
N VAL A 106 -18.07 -15.43 33.59
CA VAL A 106 -17.53 -14.41 32.70
C VAL A 106 -18.20 -14.57 31.35
N VAL A 107 -18.99 -13.57 30.95
CA VAL A 107 -19.67 -13.64 29.66
C VAL A 107 -18.68 -13.44 28.53
N ASP A 108 -17.81 -12.44 28.64
CA ASP A 108 -16.83 -12.13 27.62
C ASP A 108 -15.77 -11.22 28.21
N ILE A 109 -14.67 -11.05 27.48
CA ILE A 109 -13.59 -10.15 27.85
C ILE A 109 -13.32 -9.22 26.68
N TYR A 110 -12.68 -8.08 26.99
CA TYR A 110 -12.51 -7.03 26.00
C TYR A 110 -11.16 -6.35 26.17
N GLU A 111 -10.64 -5.83 25.06
CA GLU A 111 -9.41 -5.05 25.04
C GLU A 111 -8.26 -5.78 25.71
N TYR A 112 -8.09 -7.04 25.30
CA TYR A 112 -7.09 -7.94 25.89
C TYR A 112 -5.91 -8.21 24.98
N ASP A 113 -5.87 -7.62 23.79
CA ASP A 113 -4.81 -7.88 22.83
C ASP A 113 -4.30 -6.59 22.22
N ILE A 114 -4.22 -5.54 23.03
CA ILE A 114 -3.70 -4.24 22.59
C ILE A 114 -2.27 -4.12 23.09
N PRO A 115 -1.30 -3.88 22.20
CA PRO A 115 0.10 -3.77 22.63
C PRO A 115 0.27 -2.74 23.74
N PHE A 116 1.19 -3.04 24.66
CA PHE A 116 1.36 -2.22 25.85
C PHE A 116 1.84 -0.81 25.50
N ALA A 117 2.78 -0.70 24.55
CA ALA A 117 3.27 0.62 24.17
C ALA A 117 2.19 1.45 23.50
N LYS A 118 1.39 0.81 22.63
CA LYS A 118 0.30 1.53 21.96
C LYS A 118 -0.79 1.90 22.94
N ARG A 119 -1.10 1.01 23.89
CA ARG A 119 -2.10 1.32 24.91
C ARG A 119 -1.71 2.54 25.72
N TYR A 120 -0.40 2.70 25.99
CA TYR A 120 0.07 3.86 26.72
C TYR A 120 -0.16 5.14 25.92
N LEU A 121 0.13 5.11 24.62
CA LEU A 121 -0.06 6.30 23.78
C LEU A 121 -1.53 6.71 23.74
N ILE A 122 -2.43 5.73 23.74
CA ILE A 122 -3.86 6.04 23.65
C ILE A 122 -4.37 6.59 24.97
N ASP A 123 -4.09 5.88 26.06
CA ASP A 123 -4.66 6.25 27.36
C ASP A 123 -4.08 7.54 27.92
N LYS A 124 -2.88 7.94 27.50
CA LYS A 124 -2.29 9.19 27.92
C LYS A 124 -2.59 10.33 26.95
N GLY A 125 -3.31 10.07 25.87
CA GLY A 125 -3.63 11.12 24.92
C GLY A 125 -2.41 11.70 24.24
N LEU A 126 -1.40 10.87 23.98
CA LEU A 126 -0.15 11.31 23.38
C LEU A 126 -0.20 11.09 21.87
N ILE A 127 0.09 12.13 21.11
CA ILE A 127 0.06 12.10 19.65
C ILE A 127 1.49 12.23 19.15
N PRO A 128 2.03 11.23 18.44
CA PRO A 128 3.37 11.37 17.88
C PRO A 128 3.40 12.39 16.75
N MET A 129 4.61 12.85 16.43
CA MET A 129 4.88 13.71 15.28
C MET A 129 4.26 15.09 15.40
N GLU A 130 3.83 15.49 16.60
CA GLU A 130 3.26 16.81 16.82
C GLU A 130 4.37 17.81 17.14
N GLY A 131 4.23 19.02 16.62
CA GLY A 131 5.23 20.05 16.76
C GLY A 131 5.99 20.29 15.49
N ASP A 132 6.82 21.33 15.51
CA ASP A 132 7.64 21.73 14.36
C ASP A 132 9.09 21.32 14.53
N GLU A 133 9.36 20.26 15.30
CA GLU A 133 10.72 19.80 15.50
C GLU A 133 11.28 19.23 14.20
N GLU A 134 12.56 19.50 13.97
CA GLU A 134 13.26 19.01 12.78
C GLU A 134 14.00 17.73 13.12
N LEU A 135 13.75 16.68 12.34
CA LEU A 135 14.38 15.38 12.54
C LEU A 135 15.57 15.24 11.60
N THR A 136 16.70 14.81 12.15
CA THR A 136 17.88 14.53 11.33
C THR A 136 17.71 13.20 10.62
N MET A 137 18.14 13.14 9.36
CA MET A 137 17.92 11.99 8.52
C MET A 137 19.21 11.52 7.88
N LEU A 138 19.28 10.21 7.62
CA LEU A 138 20.41 9.61 6.94
C LEU A 138 19.92 8.40 6.17
N ALA A 139 20.02 8.45 4.85
CA ALA A 139 19.69 7.30 4.01
C ALA A 139 20.92 6.44 3.80
N PHE A 140 20.70 5.15 3.52
CA PHE A 140 21.80 4.26 3.24
C PHE A 140 21.31 3.09 2.39
N ALA A 141 22.25 2.49 1.67
CA ALA A 141 21.98 1.34 0.82
C ALA A 141 23.25 0.51 0.72
N ILE A 142 23.09 -0.75 0.29
CA ILE A 142 24.20 -1.67 0.18
C ILE A 142 24.21 -2.29 -1.20
N ALA A 143 25.40 -2.74 -1.62
CA ALA A 143 25.59 -3.48 -2.85
C ALA A 143 26.33 -4.77 -2.52
N THR A 144 25.80 -5.90 -2.97
CA THR A 144 26.29 -7.20 -2.55
C THR A 144 26.81 -8.00 -3.74
N LEU A 145 27.55 -9.06 -3.43
CA LEU A 145 28.06 -10.00 -4.41
C LEU A 145 27.19 -11.24 -4.39
N TYR A 146 26.52 -11.52 -5.51
CA TYR A 146 25.54 -12.60 -5.58
C TYR A 146 25.89 -13.57 -6.70
N HIS A 147 25.60 -14.85 -6.46
CA HIS A 147 25.66 -15.89 -7.47
C HIS A 147 24.48 -16.81 -7.30
N GLU A 148 23.96 -17.32 -8.41
CA GLU A 148 22.83 -18.24 -8.35
C GLU A 148 23.20 -19.50 -7.59
N GLY A 149 22.22 -20.05 -6.88
CA GLY A 149 22.42 -21.24 -6.08
C GLY A 149 23.01 -21.00 -4.72
N GLU A 150 23.25 -19.75 -4.34
CA GLU A 150 23.81 -19.43 -3.03
C GLU A 150 22.69 -19.13 -2.04
N GLU A 151 23.01 -19.32 -0.76
CA GLU A 151 22.09 -18.94 0.30
C GLU A 151 22.11 -17.42 0.49
N PHE A 152 21.12 -16.92 1.22
CA PHE A 152 21.03 -15.49 1.46
C PHE A 152 22.22 -15.01 2.26
N ALA A 153 22.85 -13.93 1.80
CA ALA A 153 24.00 -13.32 2.44
C ALA A 153 25.19 -14.29 2.55
N GLU A 154 25.26 -15.26 1.64
CA GLU A 154 26.44 -16.11 1.58
C GLU A 154 27.64 -15.33 1.04
N GLY A 155 27.42 -14.43 0.09
CA GLY A 155 28.46 -13.56 -0.41
C GLY A 155 28.56 -12.29 0.40
N PRO A 156 29.72 -11.65 0.34
CA PRO A 156 29.94 -10.46 1.16
C PRO A 156 29.23 -9.24 0.61
N ILE A 157 29.10 -8.22 1.47
CA ILE A 157 28.67 -6.91 1.03
C ILE A 157 29.87 -6.21 0.38
N LEU A 158 29.64 -5.61 -0.78
CA LEU A 158 30.73 -4.97 -1.51
C LEU A 158 30.84 -3.49 -1.19
N MET A 159 29.73 -2.77 -1.12
CA MET A 159 29.73 -1.35 -0.85
C MET A 159 28.60 -1.00 0.10
N ILE A 160 28.84 0.00 0.95
CA ILE A 160 27.82 0.62 1.77
C ILE A 160 27.86 2.11 1.49
N SER A 161 26.75 2.66 1.00
CA SER A 161 26.64 4.07 0.69
C SER A 161 25.65 4.74 1.63
N TYR A 162 25.86 6.04 1.86
CA TYR A 162 24.98 6.81 2.72
C TYR A 162 24.92 8.24 2.21
N ALA A 163 23.82 8.92 2.51
CA ALA A 163 23.61 10.27 2.00
C ALA A 163 22.77 11.08 2.98
N ASP A 164 23.13 12.34 3.15
CA ASP A 164 22.33 13.30 3.90
C ASP A 164 22.53 14.67 3.25
N GLU A 165 22.31 15.73 4.03
CA GLU A 165 22.46 17.08 3.50
C GLU A 165 23.91 17.40 3.12
N GLU A 166 24.87 16.69 3.69
CA GLU A 166 26.28 16.92 3.38
C GLU A 166 26.72 16.26 2.08
N GLY A 167 25.88 15.43 1.48
CA GLY A 167 26.22 14.71 0.26
C GLY A 167 26.16 13.21 0.47
N ALA A 168 26.65 12.49 -0.53
CA ALA A 168 26.63 11.03 -0.53
C ALA A 168 28.06 10.50 -0.64
N ARG A 169 28.32 9.40 0.08
CA ARG A 169 29.62 8.75 0.07
C ARG A 169 29.42 7.25 0.01
N VAL A 170 30.48 6.55 -0.39
CA VAL A 170 30.47 5.10 -0.53
C VAL A 170 31.67 4.53 0.21
N ILE A 171 31.43 3.52 1.04
CA ILE A 171 32.48 2.77 1.72
C ILE A 171 32.60 1.41 1.05
N THR A 172 33.82 1.02 0.71
CA THR A 172 34.07 -0.24 0.03
C THR A 172 35.47 -0.72 0.37
N TRP A 173 35.70 -2.02 0.19
CA TRP A 173 37.00 -2.63 0.50
C TRP A 173 37.76 -2.99 -0.77
N LYS A 174 37.54 -2.24 -1.84
CA LYS A 174 38.33 -2.33 -3.07
C LYS A 174 38.62 -0.91 -3.55
N ASN A 175 39.77 -0.73 -4.17
CA ASN A 175 40.22 0.61 -4.56
C ASN A 175 39.42 1.07 -5.77
N VAL A 176 38.53 2.03 -5.55
CA VAL A 176 37.77 2.69 -6.61
C VAL A 176 38.12 4.18 -6.56
N ASP A 177 38.58 4.72 -7.68
CA ASP A 177 39.08 6.09 -7.73
C ASP A 177 37.92 7.04 -8.01
N LEU A 178 37.25 7.45 -6.94
CA LEU A 178 36.17 8.44 -7.01
C LEU A 178 36.26 9.27 -5.74
N PRO A 179 36.04 10.58 -5.82
CA PRO A 179 36.23 11.43 -4.63
C PRO A 179 35.25 11.14 -3.50
N TYR A 180 34.11 10.53 -3.79
CA TYR A 180 33.12 10.20 -2.77
C TYR A 180 33.23 8.76 -2.28
N VAL A 181 34.36 8.10 -2.55
CA VAL A 181 34.56 6.71 -2.19
C VAL A 181 35.66 6.64 -1.14
N ASP A 182 35.36 5.98 -0.01
CA ASP A 182 36.34 5.72 1.03
C ASP A 182 36.70 4.24 1.00
N VAL A 183 37.99 3.95 0.89
CA VAL A 183 38.46 2.59 0.67
C VAL A 183 39.02 2.04 1.98
N VAL A 184 38.50 0.89 2.40
CA VAL A 184 39.04 0.16 3.54
C VAL A 184 39.60 -1.17 3.04
N SER A 185 40.04 -2.03 3.97
CA SER A 185 40.73 -3.25 3.58
C SER A 185 39.79 -4.44 3.45
N THR A 186 38.90 -4.65 4.42
CA THR A 186 38.04 -5.82 4.44
C THR A 186 36.58 -5.40 4.56
N GLU A 187 35.69 -6.37 4.33
CA GLU A 187 34.27 -6.15 4.54
C GLU A 187 33.96 -5.78 5.99
N ARG A 188 34.72 -6.37 6.93
CA ARG A 188 34.50 -6.08 8.33
C ARG A 188 34.82 -4.62 8.66
N GLU A 189 35.92 -4.10 8.13
CA GLU A 189 36.25 -2.69 8.34
C GLU A 189 35.22 -1.79 7.69
N MET A 190 34.66 -2.19 6.55
CA MET A 190 33.64 -1.39 5.89
C MET A 190 32.37 -1.31 6.74
N ILE A 191 31.94 -2.43 7.31
CA ILE A 191 30.75 -2.42 8.15
C ILE A 191 30.98 -1.62 9.42
N LYS A 192 32.15 -1.79 10.05
CA LYS A 192 32.44 -1.07 11.27
C LYS A 192 32.57 0.44 11.02
N ARG A 193 33.07 0.83 9.86
CA ARG A 193 33.16 2.25 9.53
C ARG A 193 31.78 2.86 9.33
N PHE A 194 30.88 2.13 8.66
CA PHE A 194 29.51 2.60 8.51
C PHE A 194 28.82 2.72 9.86
N LEU A 195 29.08 1.77 10.77
CA LEU A 195 28.55 1.85 12.12
C LEU A 195 29.05 3.09 12.84
N ARG A 196 30.33 3.44 12.62
CA ARG A 196 30.88 4.65 13.21
C ARG A 196 30.23 5.90 12.62
N VAL A 197 29.99 5.90 11.31
CA VAL A 197 29.40 7.06 10.65
C VAL A 197 28.00 7.34 11.21
N VAL A 198 27.21 6.28 11.40
CA VAL A 198 25.88 6.46 11.97
C VAL A 198 25.96 6.95 13.40
N LYS A 199 26.91 6.42 14.17
CA LYS A 199 27.06 6.85 15.56
C LYS A 199 27.48 8.32 15.65
N GLU A 200 28.42 8.74 14.79
CA GLU A 200 28.87 10.12 14.82
C GLU A 200 27.79 11.06 14.28
N LYS A 201 27.10 10.66 13.21
CA LYS A 201 26.03 11.51 12.68
C LYS A 201 24.82 11.50 13.60
N ASP A 202 24.56 10.38 14.28
CA ASP A 202 23.43 10.24 15.19
C ASP A 202 22.11 10.71 14.57
N PRO A 203 21.65 10.08 13.49
CA PRO A 203 20.42 10.53 12.85
C PRO A 203 19.19 10.03 13.58
N ASP A 204 18.13 10.86 13.54
CA ASP A 204 16.86 10.43 14.10
C ASP A 204 16.17 9.42 13.20
N VAL A 205 16.35 9.55 11.88
CA VAL A 205 15.66 8.71 10.90
C VAL A 205 16.71 8.04 10.02
N LEU A 206 16.56 6.74 9.83
CA LEU A 206 17.36 5.97 8.88
C LEU A 206 16.47 5.59 7.71
N ILE A 207 16.79 6.12 6.53
CA ILE A 207 15.97 5.93 5.34
C ILE A 207 16.56 4.82 4.49
N THR A 208 15.73 3.87 4.08
CA THR A 208 16.11 2.81 3.16
C THR A 208 15.05 2.69 2.08
N TYR A 209 15.35 1.86 1.08
CA TYR A 209 14.37 1.39 0.11
C TYR A 209 14.37 -0.13 0.16
N ASN A 210 13.31 -0.71 0.72
CA ASN A 210 13.21 -2.15 0.96
C ASN A 210 14.27 -2.63 1.93
N GLY A 211 14.62 -1.80 2.92
CA GLY A 211 15.52 -2.24 3.97
C GLY A 211 14.90 -3.23 4.93
N ASP A 212 13.57 -3.31 4.96
CA ASP A 212 12.90 -4.27 5.82
C ASP A 212 13.17 -5.70 5.40
N ASN A 213 13.33 -5.96 4.10
CA ASN A 213 13.45 -7.30 3.57
C ASN A 213 14.83 -7.62 3.00
N PHE A 214 15.69 -6.62 2.78
CA PHE A 214 16.98 -6.89 2.16
C PHE A 214 18.14 -6.33 2.96
N ASP A 215 18.27 -5.01 3.01
CA ASP A 215 19.49 -4.38 3.50
C ASP A 215 19.78 -4.75 4.95
N PHE A 216 18.76 -4.67 5.81
CA PHE A 216 18.99 -4.95 7.23
C PHE A 216 19.22 -6.44 7.47
N ALA A 217 18.44 -7.30 6.82
CA ALA A 217 18.64 -8.74 6.96
C ALA A 217 19.99 -9.17 6.40
N TYR A 218 20.47 -8.51 5.35
CA TYR A 218 21.77 -8.84 4.80
C TYR A 218 22.89 -8.42 5.74
N LEU A 219 22.82 -7.19 6.25
CA LEU A 219 23.82 -6.72 7.21
C LEU A 219 23.83 -7.59 8.46
N LYS A 220 22.65 -8.03 8.90
CA LYS A 220 22.57 -8.85 10.10
C LYS A 220 23.32 -10.17 9.92
N LYS A 221 23.02 -10.89 8.84
CA LYS A 221 23.66 -12.18 8.61
C LYS A 221 25.15 -12.05 8.43
N ARG A 222 25.60 -10.99 7.74
CA ARG A 222 27.04 -10.78 7.57
C ARG A 222 27.71 -10.48 8.91
N CYS A 223 27.06 -9.69 9.76
CA CYS A 223 27.63 -9.37 11.06
C CYS A 223 27.74 -10.60 11.95
N GLU A 224 26.79 -11.53 11.84
CA GLU A 224 26.89 -12.77 12.61
C GLU A 224 28.08 -13.60 12.17
N LYS A 225 28.34 -13.65 10.86
CA LYS A 225 29.45 -14.45 10.36
C LYS A 225 30.79 -13.85 10.76
N LEU A 226 30.95 -12.54 10.58
CA LEU A 226 32.20 -11.86 10.91
C LEU A 226 32.33 -11.52 12.39
N GLY A 227 31.30 -11.80 13.19
CA GLY A 227 31.34 -11.50 14.61
C GLY A 227 31.39 -10.02 14.91
N ILE A 228 30.45 -9.27 14.33
CA ILE A 228 30.37 -7.82 14.50
C ILE A 228 29.12 -7.50 15.30
N ASN A 229 29.28 -6.69 16.34
CA ASN A 229 28.15 -6.16 17.10
C ASN A 229 27.62 -4.95 16.34
N PHE A 230 26.49 -5.14 15.64
CA PHE A 230 25.92 -4.09 14.80
C PHE A 230 25.02 -3.18 15.65
N ALA A 231 25.67 -2.36 16.46
CA ALA A 231 24.99 -1.52 17.45
C ALA A 231 24.53 -0.22 16.78
N LEU A 232 23.47 -0.31 16.01
CA LEU A 232 22.91 0.86 15.32
C LEU A 232 21.99 1.68 16.22
N GLY A 233 21.44 1.08 17.26
CA GLY A 233 20.49 1.79 18.10
C GLY A 233 21.16 2.80 19.02
N ARG A 234 20.37 3.78 19.45
CA ARG A 234 20.87 4.79 20.37
C ARG A 234 21.09 4.22 21.77
N ASP A 235 20.44 3.11 22.11
CA ASP A 235 20.71 2.39 23.35
C ASP A 235 21.79 1.35 23.19
N GLY A 236 22.46 1.31 22.04
CA GLY A 236 23.46 0.30 21.75
C GLY A 236 22.92 -1.01 21.23
N SER A 237 21.61 -1.14 21.06
CA SER A 237 21.01 -2.38 20.61
C SER A 237 21.23 -2.57 19.11
N GLU A 238 21.10 -3.81 18.68
CA GLU A 238 21.14 -4.17 17.27
C GLU A 238 19.75 -4.04 16.66
N PRO A 239 19.67 -3.84 15.34
CA PRO A 239 18.35 -3.76 14.69
C PRO A 239 17.54 -5.02 14.93
N LYS A 240 16.30 -4.83 15.38
CA LYS A 240 15.40 -5.92 15.71
C LYS A 240 14.49 -6.22 14.52
N ILE A 241 14.41 -7.49 14.15
CA ILE A 241 13.58 -7.92 13.03
C ILE A 241 12.23 -8.38 13.59
N GLN A 242 11.16 -7.73 13.14
CA GLN A 242 9.81 -8.08 13.55
C GLN A 242 9.05 -8.68 12.36
N ARG A 243 7.87 -9.23 12.66
CA ARG A 243 7.04 -9.91 11.66
C ARG A 243 5.64 -9.33 11.73
N MET A 244 5.30 -8.48 10.76
CA MET A 244 3.97 -7.89 10.67
C MET A 244 3.12 -8.78 9.77
N GLY A 245 2.46 -9.76 10.36
CA GLY A 245 1.67 -10.69 9.58
C GLY A 245 2.54 -11.59 8.74
N ASP A 246 2.47 -11.44 7.42
CA ASP A 246 3.25 -12.24 6.49
C ASP A 246 4.45 -11.48 5.92
N ARG A 247 4.77 -10.31 6.47
CA ARG A 247 5.88 -9.51 5.99
C ARG A 247 6.78 -9.15 7.17
N PHE A 248 8.05 -8.87 6.86
CA PHE A 248 9.05 -8.57 7.86
C PHE A 248 9.32 -7.07 7.90
N ALA A 249 9.60 -6.57 9.10
CA ALA A 249 9.94 -5.17 9.32
C ALA A 249 11.08 -5.08 10.33
N VAL A 250 11.91 -4.05 10.17
CA VAL A 250 13.10 -3.87 10.98
C VAL A 250 13.01 -2.54 11.71
N GLU A 251 13.19 -2.57 13.03
CA GLU A 251 13.20 -1.37 13.85
C GLU A 251 14.59 -1.17 14.45
N VAL A 252 14.94 0.09 14.66
CA VAL A 252 16.20 0.48 15.29
C VAL A 252 15.83 1.32 16.51
N LYS A 253 16.12 0.81 17.70
CA LYS A 253 15.73 1.50 18.93
C LYS A 253 16.41 2.86 19.02
N GLY A 254 15.65 3.87 19.44
CA GLY A 254 16.12 5.23 19.51
C GLY A 254 15.98 6.02 18.23
N ARG A 255 15.88 5.35 17.09
CA ARG A 255 15.71 5.99 15.79
C ARG A 255 14.41 5.51 15.16
N ILE A 256 14.12 6.04 13.97
CA ILE A 256 12.99 5.61 13.16
C ILE A 256 13.55 5.10 11.84
N HIS A 257 13.42 3.80 11.59
CA HIS A 257 13.78 3.25 10.29
C HIS A 257 12.63 3.53 9.32
N PHE A 258 12.86 4.44 8.39
CA PHE A 258 11.85 4.84 7.41
C PHE A 258 12.11 4.08 6.11
N ASP A 259 11.35 3.02 5.88
CA ASP A 259 11.44 2.26 4.65
C ASP A 259 10.49 2.87 3.62
N LEU A 260 11.06 3.39 2.53
CA LEU A 260 10.25 4.09 1.54
C LEU A 260 9.37 3.15 0.74
N TYR A 261 9.77 1.88 0.61
CA TYR A 261 9.05 0.97 -0.29
C TYR A 261 7.58 0.79 0.10
N PRO A 262 7.21 0.45 1.34
CA PRO A 262 5.78 0.38 1.66
C PRO A 262 5.07 1.72 1.59
N VAL A 263 5.80 2.83 1.69
CA VAL A 263 5.19 4.15 1.57
C VAL A 263 4.88 4.48 0.12
N ILE A 264 5.88 4.32 -0.76
CA ILE A 264 5.69 4.62 -2.18
C ILE A 264 4.71 3.64 -2.81
N ARG A 265 4.71 2.38 -2.36
CA ARG A 265 3.80 1.38 -2.90
C ARG A 265 2.35 1.81 -2.76
N ARG A 266 2.00 2.44 -1.64
CA ARG A 266 0.64 2.88 -1.38
C ARG A 266 0.34 4.27 -1.92
N THR A 267 1.38 5.05 -2.25
CA THR A 267 1.20 6.46 -2.58
C THR A 267 1.16 6.73 -4.08
N ILE A 268 1.93 5.99 -4.87
CA ILE A 268 2.03 6.20 -6.31
C ILE A 268 1.64 4.91 -7.01
N ASN A 269 0.90 5.04 -8.11
CA ASN A 269 0.47 3.90 -8.93
C ASN A 269 1.45 3.72 -10.08
N LEU A 270 2.25 2.66 -10.02
CA LEU A 270 3.26 2.38 -11.02
C LEU A 270 3.19 0.91 -11.43
N PRO A 271 3.58 0.58 -12.66
CA PRO A 271 3.67 -0.84 -13.04
C PRO A 271 4.70 -1.61 -12.23
N THR A 272 5.92 -1.10 -12.15
CA THR A 272 6.96 -1.66 -11.31
C THR A 272 7.38 -0.62 -10.28
N TYR A 273 7.96 -1.09 -9.17
CA TYR A 273 8.31 -0.24 -8.05
C TYR A 273 9.79 -0.34 -7.73
N THR A 274 10.62 -0.43 -8.76
CA THR A 274 12.06 -0.30 -8.56
C THR A 274 12.40 1.13 -8.15
N LEU A 275 13.56 1.28 -7.51
CA LEU A 275 14.00 2.61 -7.09
C LEU A 275 14.17 3.54 -8.29
N GLU A 276 14.57 3.01 -9.43
CA GLU A 276 14.78 3.83 -10.62
C GLU A 276 13.45 4.39 -11.13
N ALA A 277 12.44 3.53 -11.25
CA ALA A 277 11.13 3.98 -11.71
C ALA A 277 10.49 4.95 -10.72
N VAL A 278 10.74 4.75 -9.43
CA VAL A 278 10.14 5.62 -8.41
C VAL A 278 10.77 7.01 -8.47
N TYR A 279 12.09 7.08 -8.59
CA TYR A 279 12.78 8.36 -8.65
C TYR A 279 12.32 9.18 -9.85
N GLU A 280 12.18 8.53 -11.01
CA GLU A 280 11.76 9.26 -12.21
C GLU A 280 10.32 9.71 -12.10
N ALA A 281 9.45 8.89 -11.49
CA ALA A 281 8.03 9.24 -11.40
C ALA A 281 7.81 10.46 -10.53
N VAL A 282 8.72 10.74 -9.60
CA VAL A 282 8.56 11.85 -8.66
C VAL A 282 9.30 13.10 -9.13
N PHE A 283 10.52 12.94 -9.63
CA PHE A 283 11.36 14.09 -9.97
C PHE A 283 11.53 14.30 -11.47
N GLY A 284 11.08 13.36 -12.30
CA GLY A 284 11.17 13.52 -13.75
C GLY A 284 12.51 13.19 -14.36
N LYS A 285 13.54 12.94 -13.55
CA LYS A 285 14.86 12.63 -14.07
C LYS A 285 15.12 11.13 -14.01
N PRO A 286 15.82 10.57 -15.00
CA PRO A 286 16.07 9.13 -15.00
C PRO A 286 17.24 8.75 -14.10
N LYS A 287 17.29 7.46 -13.76
CA LYS A 287 18.36 6.90 -12.94
C LYS A 287 18.78 5.57 -13.55
N GLU A 288 20.08 5.40 -13.74
CA GLU A 288 20.60 4.18 -14.33
C GLU A 288 20.60 3.05 -13.31
N LYS A 289 20.19 1.87 -13.76
CA LYS A 289 20.15 0.67 -12.92
C LYS A 289 21.30 -0.25 -13.30
N VAL A 290 22.05 -0.69 -12.30
CA VAL A 290 23.16 -1.63 -12.48
C VAL A 290 22.78 -2.93 -11.79
N TYR A 291 22.67 -3.99 -12.57
CA TYR A 291 22.14 -5.24 -12.07
C TYR A 291 23.22 -6.06 -11.35
N ALA A 292 22.77 -7.11 -10.67
CA ALA A 292 23.67 -7.91 -9.83
C ALA A 292 24.74 -8.61 -10.66
N GLU A 293 24.43 -8.96 -11.91
CA GLU A 293 25.41 -9.65 -12.74
C GLU A 293 26.57 -8.74 -13.10
N GLU A 294 26.30 -7.49 -13.48
CA GLU A 294 27.36 -6.55 -13.76
C GLU A 294 28.18 -6.25 -12.51
N ILE A 295 27.51 -6.16 -11.36
CA ILE A 295 28.20 -5.90 -10.11
C ILE A 295 29.19 -7.03 -9.79
N ALA A 296 28.73 -8.27 -9.94
CA ALA A 296 29.60 -9.41 -9.67
C ALA A 296 30.78 -9.46 -10.65
N GLN A 297 30.51 -9.20 -11.93
CA GLN A 297 31.58 -9.24 -12.93
C GLN A 297 32.59 -8.12 -12.69
N ALA A 298 32.11 -6.92 -12.36
CA ALA A 298 33.02 -5.80 -12.12
C ALA A 298 33.89 -6.05 -10.90
N TRP A 299 33.31 -6.59 -9.82
CA TRP A 299 34.08 -6.83 -8.61
C TRP A 299 35.10 -7.93 -8.81
N GLU A 300 34.72 -9.02 -9.48
CA GLU A 300 35.59 -10.19 -9.58
C GLU A 300 36.72 -9.98 -10.58
N THR A 301 36.42 -9.41 -11.75
CA THR A 301 37.47 -9.09 -12.71
C THR A 301 38.26 -7.85 -12.30
N GLY A 302 37.67 -6.96 -11.51
CA GLY A 302 38.32 -5.73 -11.12
C GLY A 302 38.19 -4.59 -12.11
N GLU A 303 37.36 -4.73 -13.13
CA GLU A 303 37.20 -3.72 -14.17
C GLU A 303 35.76 -3.22 -14.18
N GLY A 304 35.61 -1.90 -14.28
CA GLY A 304 34.29 -1.31 -14.34
C GLY A 304 33.63 -1.07 -13.01
N LEU A 305 34.41 -0.97 -11.92
CA LEU A 305 33.84 -0.78 -10.60
C LEU A 305 33.41 0.67 -10.35
N GLU A 306 33.93 1.62 -11.12
CA GLU A 306 33.49 3.00 -10.96
C GLU A 306 32.02 3.16 -11.27
N ARG A 307 31.53 2.43 -12.28
CA ARG A 307 30.09 2.44 -12.58
C ARG A 307 29.29 1.84 -11.43
N VAL A 308 29.84 0.85 -10.74
CA VAL A 308 29.15 0.26 -9.60
C VAL A 308 29.13 1.23 -8.43
N ALA A 309 30.24 1.91 -8.19
CA ALA A 309 30.30 2.88 -7.10
C ALA A 309 29.35 4.05 -7.34
N ARG A 310 29.25 4.51 -8.59
CA ARG A 310 28.31 5.57 -8.91
C ARG A 310 26.86 5.12 -8.69
N TYR A 311 26.54 3.89 -9.09
CA TYR A 311 25.21 3.36 -8.85
C TYR A 311 24.92 3.26 -7.36
N SER A 312 25.88 2.76 -6.59
CA SER A 312 25.69 2.68 -5.15
C SER A 312 25.55 4.06 -4.52
N MET A 313 26.35 5.03 -5.00
CA MET A 313 26.22 6.40 -4.51
C MET A 313 24.85 6.96 -4.83
N GLU A 314 24.39 6.80 -6.07
CA GLU A 314 23.08 7.32 -6.47
C GLU A 314 21.96 6.66 -5.67
N ASP A 315 22.11 5.39 -5.31
CA ASP A 315 21.10 4.71 -4.51
C ASP A 315 20.86 5.45 -3.20
N ALA A 316 21.93 5.78 -2.48
CA ALA A 316 21.79 6.49 -1.22
C ALA A 316 21.31 7.92 -1.44
N LYS A 317 21.84 8.60 -2.46
CA LYS A 317 21.43 9.98 -2.73
C LYS A 317 19.96 10.04 -3.12
N VAL A 318 19.51 9.13 -3.98
CA VAL A 318 18.11 9.12 -4.41
C VAL A 318 17.20 8.76 -3.25
N THR A 319 17.61 7.81 -2.41
CA THR A 319 16.80 7.42 -1.26
C THR A 319 16.65 8.57 -0.27
N TYR A 320 17.71 9.37 -0.10
CA TYR A 320 17.59 10.53 0.79
C TYR A 320 16.65 11.57 0.20
N GLU A 321 16.76 11.85 -1.10
CA GLU A 321 15.90 12.84 -1.73
C GLU A 321 14.44 12.42 -1.65
N LEU A 322 14.14 11.14 -1.91
CA LEU A 322 12.78 10.65 -1.78
C LEU A 322 12.32 10.69 -0.33
N GLY A 323 13.20 10.32 0.61
CA GLY A 323 12.84 10.39 2.01
C GLY A 323 12.57 11.81 2.48
N LYS A 324 13.23 12.79 1.88
CA LYS A 324 12.99 14.19 2.24
C LYS A 324 11.56 14.61 1.91
N GLU A 325 11.02 14.10 0.80
CA GLU A 325 9.71 14.57 0.34
C GLU A 325 8.56 13.82 1.02
N PHE A 326 8.74 12.53 1.27
CA PHE A 326 7.64 11.69 1.74
C PHE A 326 7.55 11.57 3.25
N LEU A 327 8.61 11.90 3.98
CA LEU A 327 8.54 11.89 5.44
C LEU A 327 7.53 12.88 5.99
N PRO A 328 7.46 14.14 5.52
CA PRO A 328 6.42 15.04 6.05
C PRO A 328 5.01 14.55 5.78
N MET A 329 4.77 13.92 4.63
CA MET A 329 3.46 13.37 4.34
C MET A 329 3.09 12.27 5.33
N GLU A 330 4.01 11.33 5.55
CA GLU A 330 3.74 10.24 6.49
C GLU A 330 3.73 10.75 7.92
N ALA A 331 4.45 11.84 8.22
CA ALA A 331 4.41 12.41 9.55
C ALA A 331 3.03 12.96 9.87
N GLN A 332 2.39 13.60 8.89
CA GLN A 332 1.04 14.11 9.11
C GLN A 332 0.07 12.98 9.40
N LEU A 333 0.18 11.88 8.65
CA LEU A 333 -0.70 10.73 8.89
C LEU A 333 -0.51 10.17 10.29
N SER A 334 0.73 10.18 10.77
CA SER A 334 0.98 9.77 12.16
C SER A 334 0.27 10.68 13.14
N ARG A 335 0.25 11.99 12.85
CA ARG A 335 -0.52 12.92 13.69
C ARG A 335 -2.01 12.66 13.57
N LEU A 336 -2.50 12.41 12.36
CA LEU A 336 -3.93 12.18 12.15
C LEU A 336 -4.39 10.92 12.86
N VAL A 337 -3.70 9.80 12.62
CA VAL A 337 -4.10 8.53 13.21
C VAL A 337 -3.76 8.50 14.69
N GLY A 338 -2.67 9.16 15.10
CA GLY A 338 -2.23 9.08 16.48
C GLY A 338 -1.38 7.86 16.76
N HIS A 339 -0.58 7.43 15.78
CA HIS A 339 0.23 6.24 15.85
C HIS A 339 1.65 6.57 15.40
N PRO A 340 2.65 5.86 15.93
CA PRO A 340 4.04 6.18 15.57
C PRO A 340 4.30 6.06 14.07
N LEU A 341 5.25 6.87 13.60
CA LEU A 341 5.55 6.91 12.17
C LEU A 341 6.04 5.56 11.66
N TRP A 342 6.84 4.86 12.47
CA TRP A 342 7.36 3.55 12.07
C TRP A 342 6.22 2.59 11.74
N ASP A 343 5.19 2.55 12.57
CA ASP A 343 4.06 1.66 12.33
C ASP A 343 3.15 2.17 11.22
N VAL A 344 2.90 3.48 11.19
CA VAL A 344 1.98 4.05 10.20
C VAL A 344 2.52 3.86 8.80
N SER A 345 3.83 4.03 8.61
CA SER A 345 4.42 3.91 7.28
C SER A 345 4.31 2.51 6.71
N ARG A 346 4.11 1.50 7.55
CA ARG A 346 3.97 0.12 7.09
C ARG A 346 2.60 -0.48 7.36
N SER A 347 1.76 0.18 8.14
CA SER A 347 0.47 -0.39 8.53
C SER A 347 -0.46 -0.48 7.33
N SER A 348 -1.31 -1.51 7.35
CA SER A 348 -2.36 -1.63 6.36
C SER A 348 -3.45 -0.59 6.62
N THR A 349 -4.26 -0.34 5.59
CA THR A 349 -5.36 0.61 5.74
C THR A 349 -6.32 0.16 6.84
N GLY A 350 -6.51 -1.15 6.99
CA GLY A 350 -7.41 -1.65 8.02
C GLY A 350 -6.93 -1.30 9.41
N ASN A 351 -5.64 -1.53 9.70
CA ASN A 351 -5.11 -1.24 11.02
C ASN A 351 -5.05 0.27 11.28
N LEU A 352 -4.77 1.06 10.24
CA LEU A 352 -4.80 2.51 10.40
C LEU A 352 -6.18 2.98 10.81
N VAL A 353 -7.23 2.35 10.28
CA VAL A 353 -8.58 2.68 10.69
C VAL A 353 -8.83 2.24 12.13
N GLU A 354 -8.45 1.01 12.47
CA GLU A 354 -8.75 0.47 13.78
C GLU A 354 -8.00 1.21 14.89
N TRP A 355 -6.73 1.56 14.65
CA TRP A 355 -5.96 2.25 15.67
C TRP A 355 -6.54 3.62 15.96
N TYR A 356 -7.01 4.32 14.93
CA TYR A 356 -7.70 5.60 15.16
C TYR A 356 -9.03 5.38 15.87
N LEU A 357 -9.75 4.31 15.52
CA LEU A 357 -11.00 4.01 16.20
C LEU A 357 -10.75 3.64 17.66
N LEU A 358 -9.67 2.90 17.94
CA LEU A 358 -9.36 2.53 19.31
C LEU A 358 -9.05 3.75 20.16
N ARG A 359 -8.34 4.73 19.59
CA ARG A 359 -8.04 5.96 20.34
C ARG A 359 -9.30 6.77 20.58
N LYS A 360 -10.12 6.95 19.54
CA LYS A 360 -11.35 7.73 19.70
C LYS A 360 -12.34 7.03 20.62
N ALA A 361 -12.38 5.70 20.62
CA ALA A 361 -13.27 4.98 21.52
C ALA A 361 -12.87 5.20 22.97
N TYR A 362 -11.57 5.23 23.26
CA TYR A 362 -11.11 5.50 24.61
C TYR A 362 -11.49 6.91 25.04
N GLU A 363 -11.39 7.88 24.12
CA GLU A 363 -11.74 9.26 24.46
C GLU A 363 -13.23 9.40 24.77
N ARG A 364 -14.06 8.53 24.21
CA ARG A 364 -15.50 8.60 24.39
C ARG A 364 -16.03 7.57 25.38
N ASN A 365 -15.13 6.89 26.10
CA ASN A 365 -15.51 5.84 27.07
C ASN A 365 -16.35 4.76 26.38
N GLU A 366 -15.95 4.38 25.18
CA GLU A 366 -16.63 3.34 24.41
C GLU A 366 -15.79 2.07 24.47
N LEU A 367 -16.40 0.99 24.98
CA LEU A 367 -15.71 -0.29 25.04
C LEU A 367 -15.53 -0.85 23.64
N ALA A 368 -14.29 -1.19 23.31
CA ALA A 368 -13.99 -1.65 21.95
C ALA A 368 -14.47 -3.08 21.73
N PRO A 369 -15.10 -3.37 20.60
CA PRO A 369 -15.41 -4.76 20.26
C PRO A 369 -14.14 -5.55 20.02
N ASN A 370 -14.27 -6.87 20.15
CA ASN A 370 -13.13 -7.76 20.02
C ASN A 370 -12.91 -8.16 18.57
N LYS A 371 -11.67 -8.52 18.26
CA LYS A 371 -11.41 -9.23 17.03
C LYS A 371 -12.13 -10.57 17.08
N PRO A 372 -12.67 -11.05 15.96
CA PRO A 372 -13.53 -12.23 16.01
C PRO A 372 -12.75 -13.48 16.39
N ASP A 373 -13.47 -14.44 16.96
CA ASP A 373 -12.89 -15.76 17.17
C ASP A 373 -12.78 -16.49 15.83
N GLU A 374 -12.31 -17.72 15.88
CA GLU A 374 -12.09 -18.51 14.68
C GLU A 374 -13.41 -18.79 13.95
N ARG A 375 -14.46 -19.12 14.71
CA ARG A 375 -15.77 -19.40 14.10
C ARG A 375 -16.34 -18.15 13.45
N GLU A 376 -16.35 -17.04 14.19
CA GLU A 376 -16.93 -15.80 13.65
C GLU A 376 -16.11 -15.28 12.47
N TYR A 377 -14.79 -15.45 12.51
CA TYR A 377 -13.95 -14.99 11.41
C TYR A 377 -14.29 -15.73 10.12
N GLU A 378 -14.35 -17.06 10.17
CA GLU A 378 -14.69 -17.82 8.98
C GLU A 378 -16.14 -17.62 8.57
N ARG A 379 -17.02 -17.32 9.52
CA ARG A 379 -18.40 -16.98 9.17
C ARG A 379 -18.45 -15.68 8.36
N ARG A 380 -17.62 -14.70 8.73
CA ARG A 380 -17.58 -13.44 7.99
C ARG A 380 -16.98 -13.63 6.60
N LEU A 381 -16.02 -14.55 6.46
CA LEU A 381 -15.43 -14.80 5.15
C LEU A 381 -16.43 -15.41 4.19
N ARG A 382 -17.35 -16.24 4.70
CA ARG A 382 -18.32 -16.90 3.84
C ARG A 382 -19.46 -15.99 3.39
N GLU A 383 -19.62 -14.83 4.03
CA GLU A 383 -20.67 -13.89 3.68
C GLU A 383 -20.09 -12.72 2.91
N SER A 384 -20.83 -12.24 1.91
CA SER A 384 -20.44 -11.09 1.11
C SER A 384 -21.68 -10.23 0.88
N TYR A 385 -21.56 -9.30 -0.05
CA TYR A 385 -22.63 -8.34 -0.33
C TYR A 385 -22.32 -7.67 -1.67
N ALA A 386 -23.33 -6.99 -2.21
CA ALA A 386 -23.19 -6.34 -3.50
C ALA A 386 -22.35 -5.07 -3.39
N GLY A 387 -21.58 -4.80 -4.43
CA GLY A 387 -20.67 -3.67 -4.44
C GLY A 387 -21.09 -2.53 -5.34
N GLY A 388 -20.14 -1.95 -6.06
CA GLY A 388 -20.44 -0.81 -6.90
C GLY A 388 -21.06 -1.22 -8.23
N TYR A 389 -21.83 -0.29 -8.80
CA TYR A 389 -22.45 -0.51 -10.09
C TYR A 389 -21.43 -0.30 -11.20
N VAL A 390 -21.29 -1.30 -12.06
CA VAL A 390 -20.38 -1.25 -13.20
C VAL A 390 -21.20 -1.49 -14.45
N LYS A 391 -21.31 -0.46 -15.30
CA LYS A 391 -22.06 -0.57 -16.54
C LYS A 391 -21.22 -1.24 -17.61
N GLU A 392 -21.86 -2.09 -18.40
CA GLU A 392 -21.21 -2.65 -19.58
C GLU A 392 -20.93 -1.51 -20.56
N PRO A 393 -19.67 -1.26 -20.92
CA PRO A 393 -19.36 -0.06 -21.71
C PRO A 393 -19.92 -0.13 -23.12
N GLU A 394 -20.30 1.04 -23.63
CA GLU A 394 -20.71 1.14 -25.02
C GLU A 394 -19.48 1.08 -25.93
N LYS A 395 -19.62 0.37 -27.04
CA LYS A 395 -18.50 0.19 -27.96
C LYS A 395 -18.33 1.43 -28.84
N GLY A 396 -17.10 1.62 -29.31
CA GLY A 396 -16.80 2.71 -30.21
C GLY A 396 -15.73 3.67 -29.73
N LEU A 397 -15.14 4.40 -30.66
CA LEU A 397 -14.22 5.49 -30.36
C LEU A 397 -15.01 6.79 -30.34
N TRP A 398 -15.20 7.35 -29.14
CA TRP A 398 -16.08 8.50 -28.96
C TRP A 398 -15.27 9.78 -28.79
N GLU A 399 -15.94 10.90 -29.05
CA GLU A 399 -15.32 12.22 -29.01
C GLU A 399 -16.07 13.12 -28.02
N ASN A 400 -15.34 14.09 -27.48
CA ASN A 400 -15.90 15.14 -26.62
C ASN A 400 -16.65 14.54 -25.43
N ILE A 401 -15.90 13.83 -24.58
CA ILE A 401 -16.45 13.14 -23.43
C ILE A 401 -16.04 13.89 -22.16
N VAL A 402 -16.98 14.02 -21.22
CA VAL A 402 -16.68 14.54 -19.89
C VAL A 402 -16.69 13.38 -18.91
N TYR A 403 -15.86 13.49 -17.88
CA TYR A 403 -15.84 12.54 -16.78
C TYR A 403 -16.34 13.24 -15.53
N LEU A 404 -17.45 12.76 -14.99
CA LEU A 404 -18.00 13.27 -13.74
C LEU A 404 -17.99 12.16 -12.70
N ASP A 405 -17.61 12.51 -11.48
CA ASP A 405 -17.59 11.54 -10.40
C ASP A 405 -17.88 12.25 -9.08
N PHE A 406 -18.15 11.45 -8.05
CA PHE A 406 -18.41 12.00 -6.74
C PHE A 406 -17.10 12.33 -6.03
N ARG A 407 -17.14 13.36 -5.19
CA ARG A 407 -15.94 13.81 -4.49
C ARG A 407 -15.40 12.72 -3.58
N SER A 408 -16.25 12.13 -2.76
CA SER A 408 -15.90 11.01 -1.91
C SER A 408 -17.16 10.22 -1.57
N LEU A 409 -17.60 9.38 -2.51
CA LEU A 409 -18.94 8.81 -2.47
C LEU A 409 -19.21 8.08 -1.15
N TYR A 410 -18.41 7.05 -0.86
CA TYR A 410 -18.68 6.23 0.32
C TYR A 410 -18.56 7.02 1.62
N PRO A 411 -17.49 7.80 1.87
CA PRO A 411 -17.49 8.63 3.09
C PRO A 411 -18.62 9.64 3.13
N SER A 412 -19.01 10.19 1.98
CA SER A 412 -20.14 11.12 1.96
C SER A 412 -21.43 10.43 2.37
N ILE A 413 -21.62 9.18 1.92
CA ILE A 413 -22.82 8.44 2.30
C ILE A 413 -22.83 8.14 3.79
N ILE A 414 -21.68 7.76 4.33
CA ILE A 414 -21.59 7.38 5.74
C ILE A 414 -21.97 8.56 6.63
N ILE A 415 -21.47 9.76 6.32
CA ILE A 415 -21.78 10.92 7.13
C ILE A 415 -23.22 11.38 6.89
N THR A 416 -23.63 11.42 5.62
CA THR A 416 -24.96 11.94 5.30
C THR A 416 -26.06 11.09 5.92
N HIS A 417 -25.94 9.77 5.83
CA HIS A 417 -26.96 8.86 6.34
C HIS A 417 -26.60 8.23 7.67
N ASN A 418 -25.53 8.71 8.31
CA ASN A 418 -25.16 8.32 9.68
C ASN A 418 -24.99 6.81 9.80
N VAL A 419 -24.27 6.23 8.84
CA VAL A 419 -24.08 4.78 8.78
C VAL A 419 -23.02 4.41 9.81
N SER A 420 -23.44 3.70 10.87
CA SER A 420 -22.54 3.30 11.93
C SER A 420 -23.14 2.10 12.65
N PRO A 421 -22.31 1.17 13.14
CA PRO A 421 -22.86 0.03 13.89
C PRO A 421 -23.60 0.43 15.15
N ASP A 422 -23.25 1.57 15.75
CA ASP A 422 -23.97 2.05 16.92
C ASP A 422 -25.27 2.76 16.58
N THR A 423 -25.51 3.06 15.30
CA THR A 423 -26.76 3.66 14.87
C THR A 423 -27.65 2.70 14.10
N LEU A 424 -27.18 1.49 13.80
CA LEU A 424 -27.94 0.54 13.01
C LEU A 424 -29.07 -0.05 13.84
N ASN A 425 -30.31 0.10 13.36
CA ASN A 425 -31.49 -0.46 14.00
C ASN A 425 -31.60 -0.04 15.46
N ARG A 426 -31.15 1.17 15.77
CA ARG A 426 -31.19 1.66 17.15
C ARG A 426 -32.62 1.93 17.56
N GLU A 427 -33.04 1.32 18.67
CA GLU A 427 -34.41 1.42 19.13
C GLU A 427 -34.67 2.78 19.78
N GLY A 428 -35.93 3.22 19.70
CA GLY A 428 -36.34 4.45 20.34
C GLY A 428 -35.78 5.71 19.72
N CYS A 429 -35.55 5.71 18.41
CA CYS A 429 -34.99 6.87 17.73
C CYS A 429 -36.08 7.73 17.12
N LYS A 430 -35.82 9.04 17.07
CA LYS A 430 -36.79 10.00 16.56
C LYS A 430 -36.65 10.27 15.07
N GLU A 431 -35.59 9.76 14.42
CA GLU A 431 -35.45 9.91 12.98
C GLU A 431 -34.37 8.94 12.50
N TYR A 432 -34.60 8.31 11.35
CA TYR A 432 -33.62 7.40 10.79
C TYR A 432 -33.71 7.40 9.27
N ASP A 433 -32.61 7.00 8.64
CA ASP A 433 -32.54 6.81 7.19
C ASP A 433 -32.51 5.33 6.88
N VAL A 434 -33.25 4.93 5.83
CA VAL A 434 -33.36 3.54 5.43
C VAL A 434 -32.58 3.34 4.14
N ALA A 435 -31.65 2.40 4.16
CA ALA A 435 -30.86 2.11 2.96
C ALA A 435 -31.73 1.42 1.92
N PRO A 436 -31.61 1.78 0.65
CA PRO A 436 -32.39 1.10 -0.39
C PRO A 436 -31.91 -0.34 -0.57
N GLN A 437 -32.83 -1.17 -1.10
CA GLN A 437 -32.56 -2.56 -1.43
C GLN A 437 -32.30 -3.42 -0.20
N VAL A 438 -31.39 -2.99 0.68
CA VAL A 438 -31.04 -3.80 1.85
C VAL A 438 -31.88 -3.45 3.08
N GLY A 439 -32.49 -2.27 3.12
CA GLY A 439 -33.48 -1.96 4.12
C GLY A 439 -32.98 -1.70 5.53
N HIS A 440 -31.68 -1.54 5.72
CA HIS A 440 -31.15 -1.29 7.06
C HIS A 440 -31.45 0.15 7.49
N ARG A 441 -31.90 0.30 8.74
CA ARG A 441 -32.24 1.60 9.31
C ARG A 441 -31.07 2.14 10.11
N PHE A 442 -30.86 3.46 10.04
CA PHE A 442 -29.74 4.12 10.71
C PHE A 442 -30.24 5.37 11.41
N CYS A 443 -30.13 5.39 12.73
CA CYS A 443 -30.60 6.51 13.53
C CYS A 443 -29.92 7.82 13.11
N LYS A 444 -30.68 8.90 13.12
CA LYS A 444 -30.17 10.22 12.79
C LYS A 444 -30.24 11.21 13.96
N ASP A 445 -30.67 10.76 15.14
CA ASP A 445 -30.81 11.67 16.26
C ASP A 445 -29.47 12.14 16.79
N PHE A 446 -28.46 11.29 16.77
CA PHE A 446 -27.13 11.62 17.27
C PHE A 446 -26.07 11.22 16.25
N PRO A 447 -24.94 11.91 16.24
CA PRO A 447 -23.86 11.54 15.31
C PRO A 447 -23.27 10.19 15.66
N GLY A 448 -23.21 9.29 14.67
CA GLY A 448 -22.62 8.00 14.89
C GLY A 448 -21.14 8.07 15.18
N PHE A 449 -20.61 6.99 15.74
CA PHE A 449 -19.19 6.95 16.14
C PHE A 449 -18.29 7.21 14.93
N ILE A 450 -18.42 6.40 13.89
CA ILE A 450 -17.57 6.52 12.71
C ILE A 450 -17.94 7.74 11.89
N PRO A 451 -19.23 8.04 11.63
CA PRO A 451 -19.54 9.28 10.89
C PRO A 451 -19.00 10.54 11.54
N SER A 452 -18.93 10.58 12.88
CA SER A 452 -18.43 11.78 13.54
C SER A 452 -16.93 11.97 13.35
N LEU A 453 -16.21 10.92 12.92
CA LEU A 453 -14.77 11.02 12.70
C LEU A 453 -14.41 11.20 11.23
N LEU A 454 -15.27 10.78 10.31
CA LEU A 454 -14.95 10.89 8.88
C LEU A 454 -14.96 12.33 8.40
N GLY A 455 -15.73 13.20 9.06
CA GLY A 455 -15.82 14.58 8.62
C GLY A 455 -14.50 15.33 8.73
N ASP A 456 -13.76 15.07 9.81
CA ASP A 456 -12.45 15.72 9.97
C ASP A 456 -11.46 15.24 8.91
N LEU A 457 -11.55 13.96 8.53
CA LEU A 457 -10.67 13.42 7.50
C LEU A 457 -10.93 14.10 6.16
N LEU A 458 -12.20 14.24 5.79
CA LEU A 458 -12.54 14.89 4.52
C LEU A 458 -12.17 16.37 4.53
N GLU A 459 -12.26 17.02 5.69
CA GLU A 459 -11.83 18.41 5.79
C GLU A 459 -10.33 18.54 5.55
N GLU A 460 -9.54 17.62 6.10
CA GLU A 460 -8.10 17.66 5.89
C GLU A 460 -7.75 17.46 4.42
N ARG A 461 -8.51 16.61 3.71
CA ARG A 461 -8.25 16.42 2.29
C ARG A 461 -8.59 17.67 1.48
N GLN A 462 -9.64 18.38 1.87
CA GLN A 462 -10.02 19.59 1.15
C GLN A 462 -9.01 20.72 1.39
N LYS A 463 -8.43 20.78 2.59
CA LYS A 463 -7.36 21.76 2.83
C LYS A 463 -6.13 21.45 1.98
N ILE A 464 -5.79 20.17 1.85
CA ILE A 464 -4.65 19.79 1.02
C ILE A 464 -4.93 20.09 -0.43
N LYS A 465 -6.15 19.79 -0.90
CA LYS A 465 -6.51 20.09 -2.29
C LYS A 465 -6.48 21.58 -2.57
N ARG A 466 -6.83 22.41 -1.58
CA ARG A 466 -6.82 23.86 -1.78
C ARG A 466 -5.39 24.37 -1.95
N LYS A 467 -4.46 23.88 -1.14
CA LYS A 467 -3.05 24.24 -1.33
C LYS A 467 -2.50 23.64 -2.60
N MET A 468 -3.05 22.52 -3.05
CA MET A 468 -2.59 21.88 -4.29
C MET A 468 -2.79 22.78 -5.50
N LYS A 469 -4.03 23.26 -5.69
CA LYS A 469 -4.32 24.11 -6.84
C LYS A 469 -3.61 25.45 -6.75
N ALA A 470 -3.36 25.95 -5.54
CA ALA A 470 -2.70 27.25 -5.40
C ALA A 470 -1.20 27.14 -5.64
N THR A 471 -0.60 26.00 -5.31
CA THR A 471 0.84 25.82 -5.49
C THR A 471 1.19 25.79 -6.98
N VAL A 472 2.27 26.48 -7.34
CA VAL A 472 2.70 26.55 -8.74
C VAL A 472 3.89 25.63 -8.93
N ASP A 473 4.69 25.47 -7.88
CA ASP A 473 5.82 24.56 -7.94
C ASP A 473 5.35 23.16 -8.30
N LEU A 474 5.85 22.64 -9.43
CA LEU A 474 5.33 21.38 -9.96
C LEU A 474 5.60 20.23 -9.01
N LEU A 475 6.77 20.21 -8.35
CA LEU A 475 7.06 19.16 -7.39
C LEU A 475 6.08 19.20 -6.23
N GLU A 476 6.04 20.33 -5.51
CA GLU A 476 5.15 20.47 -4.37
C GLU A 476 3.69 20.22 -4.74
N LYS A 477 3.32 20.51 -5.99
CA LYS A 477 1.98 20.16 -6.45
C LYS A 477 1.77 18.65 -6.48
N LYS A 478 2.82 17.91 -6.88
CA LYS A 478 2.69 16.46 -6.98
C LYS A 478 2.62 15.80 -5.61
N LEU A 479 3.46 16.24 -4.67
CA LEU A 479 3.42 15.66 -3.33
C LEU A 479 2.08 15.90 -2.66
N LEU A 480 1.53 17.11 -2.79
CA LEU A 480 0.21 17.37 -2.22
C LEU A 480 -0.87 16.55 -2.92
N ASP A 481 -0.73 16.31 -4.22
CA ASP A 481 -1.66 15.42 -4.90
C ASP A 481 -1.56 14.00 -4.37
N TYR A 482 -0.32 13.52 -4.17
CA TYR A 482 -0.12 12.24 -3.48
C TYR A 482 -0.75 12.25 -2.10
N ARG A 483 -0.61 13.36 -1.39
CA ARG A 483 -1.03 13.42 0.02
C ARG A 483 -2.54 13.37 0.16
N GLN A 484 -3.26 14.17 -0.62
CA GLN A 484 -4.71 14.16 -0.55
C GLN A 484 -5.29 12.83 -1.03
N ARG A 485 -4.59 12.14 -1.94
CA ARG A 485 -5.03 10.82 -2.37
C ARG A 485 -4.90 9.82 -1.24
N ARG A 486 -3.85 9.93 -0.43
CA ARG A 486 -3.70 9.04 0.72
C ARG A 486 -4.84 9.22 1.70
N ILE A 487 -5.30 10.46 1.89
CA ILE A 487 -6.45 10.71 2.75
C ILE A 487 -7.72 10.11 2.16
N LYS A 488 -7.86 10.19 0.83
CA LYS A 488 -9.05 9.66 0.18
C LYS A 488 -9.14 8.15 0.37
N ILE A 489 -8.03 7.43 0.18
CA ILE A 489 -8.07 5.98 0.33
C ILE A 489 -8.22 5.60 1.80
N LEU A 490 -7.74 6.44 2.72
CA LEU A 490 -7.94 6.17 4.14
C LEU A 490 -9.42 6.31 4.50
N ALA A 491 -10.04 7.41 4.10
CA ALA A 491 -11.47 7.60 4.36
C ALA A 491 -12.30 6.54 3.65
N SER A 492 -11.94 6.23 2.39
CA SER A 492 -12.63 5.15 1.68
C SER A 492 -12.38 3.80 2.35
N GLY A 493 -11.23 3.64 3.01
CA GLY A 493 -10.96 2.43 3.75
C GLY A 493 -11.87 2.21 4.94
N TYR A 494 -12.54 3.26 5.41
CA TYR A 494 -13.51 3.10 6.49
C TYR A 494 -14.69 2.25 6.04
N TYR A 495 -15.09 2.39 4.77
CA TYR A 495 -16.15 1.52 4.25
C TYR A 495 -15.68 0.08 4.19
N GLY A 496 -14.54 -0.17 3.55
CA GLY A 496 -14.05 -1.53 3.45
C GLY A 496 -13.79 -2.17 4.79
N TYR A 497 -13.45 -1.35 5.79
CA TYR A 497 -13.29 -1.84 7.15
C TYR A 497 -14.59 -2.46 7.66
N TYR A 498 -15.74 -1.92 7.25
CA TYR A 498 -17.02 -2.49 7.66
C TYR A 498 -17.17 -3.94 7.20
N GLY A 499 -16.58 -4.28 6.06
CA GLY A 499 -16.62 -5.62 5.53
C GLY A 499 -15.39 -6.46 5.80
N TYR A 500 -14.37 -5.90 6.44
CA TYR A 500 -13.15 -6.65 6.73
C TYR A 500 -13.44 -7.67 7.83
N ALA A 501 -13.17 -8.94 7.54
CA ALA A 501 -13.54 -10.03 8.45
C ALA A 501 -12.83 -9.94 9.79
N ARG A 502 -11.66 -9.29 9.85
CA ARG A 502 -10.91 -9.17 11.09
C ARG A 502 -11.20 -7.88 11.84
N ALA A 503 -12.17 -7.09 11.38
CA ALA A 503 -12.42 -5.77 11.96
C ALA A 503 -13.14 -5.89 13.30
N ARG A 504 -12.74 -5.04 14.24
CA ARG A 504 -13.46 -4.95 15.51
C ARG A 504 -14.86 -4.39 15.29
N TRP A 505 -14.96 -3.26 14.61
CA TRP A 505 -16.24 -2.63 14.29
C TRP A 505 -16.82 -3.17 12.98
N TYR A 506 -16.79 -4.49 12.83
CA TYR A 506 -17.35 -5.14 11.66
C TYR A 506 -18.85 -4.91 11.59
N CYS A 507 -19.33 -4.56 10.39
CA CYS A 507 -20.75 -4.27 10.20
C CYS A 507 -21.07 -4.50 8.72
N LYS A 508 -21.41 -5.75 8.40
CA LYS A 508 -21.79 -6.08 7.03
C LYS A 508 -23.02 -5.27 6.61
N GLU A 509 -23.96 -5.05 7.55
CA GLU A 509 -25.12 -4.22 7.25
C GLU A 509 -24.71 -2.81 6.88
N CYS A 510 -23.72 -2.26 7.59
CA CYS A 510 -23.22 -0.93 7.25
C CYS A 510 -22.55 -0.93 5.89
N ALA A 511 -21.79 -1.98 5.58
CA ALA A 511 -21.05 -2.03 4.32
C ALA A 511 -22.00 -2.06 3.12
N GLU A 512 -22.96 -3.00 3.13
CA GLU A 512 -23.87 -3.12 2.00
C GLU A 512 -24.85 -1.96 1.92
N SER A 513 -25.12 -1.28 3.04
CA SER A 513 -25.93 -0.06 2.98
C SER A 513 -25.19 1.04 2.24
N VAL A 514 -23.89 1.16 2.48
CA VAL A 514 -23.09 2.17 1.79
C VAL A 514 -23.09 1.92 0.29
N THR A 515 -22.87 0.67 -0.11
CA THR A 515 -22.83 0.33 -1.53
C THR A 515 -24.21 0.44 -2.17
N ALA A 516 -25.27 0.10 -1.44
CA ALA A 516 -26.62 0.24 -1.98
C ALA A 516 -26.94 1.71 -2.23
N TRP A 517 -26.62 2.58 -1.27
CA TRP A 517 -26.78 4.01 -1.49
C TRP A 517 -25.90 4.49 -2.64
N GLY A 518 -24.68 3.98 -2.74
CA GLY A 518 -23.80 4.35 -3.84
C GLY A 518 -24.37 3.96 -5.20
N ARG A 519 -24.93 2.76 -5.29
CA ARG A 519 -25.53 2.33 -6.56
C ARG A 519 -26.74 3.17 -6.90
N GLN A 520 -27.54 3.55 -5.90
CA GLN A 520 -28.71 4.38 -6.17
C GLN A 520 -28.31 5.76 -6.67
N TYR A 521 -27.29 6.37 -6.07
CA TYR A 521 -26.93 7.74 -6.43
C TYR A 521 -26.29 7.80 -7.82
N ILE A 522 -25.47 6.81 -8.17
CA ILE A 522 -24.86 6.83 -9.50
C ILE A 522 -25.90 6.55 -10.57
N GLU A 523 -26.85 5.65 -10.29
CA GLU A 523 -27.90 5.35 -11.25
C GLU A 523 -28.85 6.53 -11.42
N THR A 524 -29.13 7.25 -10.34
CA THR A 524 -29.95 8.44 -10.41
C THR A 524 -29.27 9.51 -11.28
N THR A 525 -27.98 9.72 -11.07
CA THR A 525 -27.24 10.73 -11.84
C THR A 525 -27.17 10.35 -13.31
N ILE A 526 -26.99 9.06 -13.61
CA ILE A 526 -26.97 8.62 -15.00
C ILE A 526 -28.34 8.84 -15.64
N ARG A 527 -29.42 8.53 -14.93
CA ARG A 527 -30.76 8.70 -15.47
C ARG A 527 -31.06 10.16 -15.76
N GLU A 528 -30.62 11.06 -14.89
CA GLU A 528 -30.96 12.48 -15.03
C GLU A 528 -30.18 13.12 -16.18
N ILE A 529 -28.89 12.79 -16.31
CA ILE A 529 -28.09 13.41 -17.35
C ILE A 529 -28.51 12.95 -18.75
N GLU A 530 -29.12 11.77 -18.85
CA GLU A 530 -29.59 11.28 -20.14
C GLU A 530 -30.98 11.78 -20.49
N GLU A 531 -31.89 11.80 -19.51
CA GLU A 531 -33.28 12.16 -19.78
C GLU A 531 -33.48 13.67 -19.81
N LYS A 532 -32.73 14.43 -19.02
CA LYS A 532 -32.94 15.86 -18.91
C LYS A 532 -31.93 16.69 -19.71
N PHE A 533 -30.73 16.17 -19.96
CA PHE A 533 -29.69 16.92 -20.63
C PHE A 533 -29.18 16.25 -21.90
N GLY A 534 -29.79 15.14 -22.31
CA GLY A 534 -29.45 14.54 -23.60
C GLY A 534 -28.07 13.92 -23.68
N PHE A 535 -27.42 13.66 -22.55
CA PHE A 535 -26.17 12.94 -22.58
C PHE A 535 -26.40 11.45 -22.82
N LYS A 536 -25.33 10.75 -23.20
CA LYS A 536 -25.36 9.30 -23.35
C LYS A 536 -24.19 8.73 -22.55
N VAL A 537 -24.49 8.08 -21.43
CA VAL A 537 -23.45 7.52 -20.60
C VAL A 537 -22.84 6.31 -21.30
N LEU A 538 -21.54 6.39 -21.59
CA LEU A 538 -20.84 5.31 -22.28
C LEU A 538 -20.30 4.27 -21.30
N TYR A 539 -19.79 4.70 -20.16
CA TYR A 539 -19.20 3.80 -19.18
C TYR A 539 -19.38 4.39 -17.80
N ALA A 540 -19.61 3.52 -16.82
CA ALA A 540 -19.77 3.94 -15.43
C ALA A 540 -19.20 2.87 -14.51
N ASP A 541 -18.45 3.30 -13.49
CA ASP A 541 -17.86 2.38 -12.53
C ASP A 541 -17.95 3.02 -11.15
N THR A 542 -18.89 2.53 -10.34
CA THR A 542 -19.06 2.93 -8.94
C THR A 542 -19.33 4.43 -8.81
N ASP A 543 -18.28 5.23 -8.66
CA ASP A 543 -18.43 6.63 -8.28
C ASP A 543 -18.35 7.61 -9.44
N GLY A 544 -18.15 7.14 -10.68
CA GLY A 544 -18.02 8.05 -11.81
C GLY A 544 -18.48 7.44 -13.10
N PHE A 545 -18.63 8.30 -14.11
CA PHE A 545 -19.06 7.87 -15.43
C PHE A 545 -18.54 8.82 -16.49
N PHE A 546 -18.43 8.30 -17.71
CA PHE A 546 -18.06 9.07 -18.90
C PHE A 546 -19.28 9.27 -19.79
N ALA A 547 -19.42 10.47 -20.36
CA ALA A 547 -20.58 10.72 -21.20
C ALA A 547 -20.36 11.91 -22.14
N PRO A 548 -20.66 11.76 -23.44
CA PRO A 548 -20.69 12.93 -24.32
C PRO A 548 -22.12 13.31 -24.69
N ILE A 549 -22.27 14.31 -25.55
CA ILE A 549 -23.53 14.61 -26.21
C ILE A 549 -23.34 14.28 -27.69
N HIS A 550 -24.19 13.41 -28.21
CA HIS A 550 -24.03 12.92 -29.58
C HIS A 550 -24.06 14.08 -30.57
N GLY A 551 -22.95 14.29 -31.25
CA GLY A 551 -22.85 15.34 -32.25
C GLY A 551 -22.91 16.74 -31.67
N ALA A 552 -22.05 17.02 -30.69
CA ALA A 552 -21.99 18.33 -30.06
C ALA A 552 -20.54 18.80 -30.01
N ASP A 553 -20.36 20.11 -30.08
CA ASP A 553 -19.02 20.69 -30.00
C ASP A 553 -18.43 20.46 -28.62
N ALA A 554 -17.12 20.72 -28.52
CA ALA A 554 -16.46 20.64 -27.22
C ALA A 554 -17.03 21.67 -26.25
N GLU A 555 -17.30 22.89 -26.74
CA GLU A 555 -17.84 23.92 -25.87
C GLU A 555 -19.29 23.60 -25.48
N THR A 556 -20.08 23.08 -26.42
CA THR A 556 -21.46 22.73 -26.11
C THR A 556 -21.53 21.65 -25.04
N VAL A 557 -20.60 20.68 -25.09
CA VAL A 557 -20.58 19.62 -24.09
C VAL A 557 -20.14 20.17 -22.74
N LYS A 558 -19.12 21.05 -22.73
CA LYS A 558 -18.63 21.60 -21.48
C LYS A 558 -19.70 22.46 -20.80
N LYS A 559 -20.41 23.29 -21.56
CA LYS A 559 -21.42 24.14 -20.96
C LYS A 559 -22.60 23.34 -20.44
N LYS A 560 -23.05 22.34 -21.21
CA LYS A 560 -24.17 21.51 -20.75
C LYS A 560 -23.76 20.62 -19.58
N ALA A 561 -22.47 20.26 -19.49
CA ALA A 561 -22.00 19.50 -18.34
C ALA A 561 -22.05 20.34 -17.08
N LYS A 562 -21.61 21.59 -17.15
CA LYS A 562 -21.68 22.48 -16.00
C LYS A 562 -23.13 22.79 -15.64
N GLU A 563 -24.01 22.92 -16.64
CA GLU A 563 -25.42 23.10 -16.37
C GLU A 563 -26.01 21.91 -15.63
N PHE A 564 -25.61 20.70 -16.02
CA PHE A 564 -26.12 19.51 -15.35
C PHE A 564 -25.60 19.42 -13.92
N LEU A 565 -24.34 19.82 -13.69
CA LEU A 565 -23.79 19.77 -12.34
C LEU A 565 -24.56 20.69 -11.40
N ASP A 566 -24.99 21.84 -11.90
CA ASP A 566 -25.83 22.73 -11.09
C ASP A 566 -27.15 22.04 -10.75
N TYR A 567 -27.78 21.41 -11.74
CA TYR A 567 -29.07 20.76 -11.53
C TYR A 567 -28.93 19.57 -10.59
N ILE A 568 -27.93 18.72 -10.81
CA ILE A 568 -27.85 17.47 -10.06
C ILE A 568 -27.32 17.69 -8.66
N ASN A 569 -26.48 18.71 -8.44
CA ASN A 569 -25.96 18.94 -7.10
C ASN A 569 -26.99 19.61 -6.20
N ALA A 570 -27.88 20.42 -6.77
CA ALA A 570 -29.00 20.92 -6.00
C ALA A 570 -29.95 19.79 -5.59
N LYS A 571 -30.04 18.75 -6.41
CA LYS A 571 -30.91 17.62 -6.08
C LYS A 571 -30.26 16.68 -5.08
N LEU A 572 -28.95 16.49 -5.16
CA LEU A 572 -28.28 15.54 -4.28
C LEU A 572 -28.20 16.11 -2.87
N PRO A 573 -28.42 15.28 -1.84
CA PRO A 573 -28.50 15.80 -0.47
C PRO A 573 -27.22 15.61 0.33
N GLY A 574 -27.16 16.23 1.50
CA GLY A 574 -26.07 15.99 2.43
C GLY A 574 -24.74 16.44 1.88
N LEU A 575 -23.73 15.58 2.04
CA LEU A 575 -22.38 15.85 1.59
C LEU A 575 -22.09 15.31 0.20
N LEU A 576 -23.06 14.68 -0.44
CA LEU A 576 -22.85 14.11 -1.77
C LEU A 576 -22.70 15.23 -2.79
N GLU A 577 -21.63 15.17 -3.58
CA GLU A 577 -21.30 16.20 -4.55
C GLU A 577 -20.69 15.55 -5.78
N LEU A 578 -21.31 15.79 -6.94
CA LEU A 578 -20.74 15.37 -8.22
C LEU A 578 -19.82 16.47 -8.74
N GLU A 579 -18.66 16.07 -9.25
CA GLU A 579 -17.62 17.01 -9.63
C GLU A 579 -17.31 16.90 -11.12
N TYR A 580 -16.69 17.95 -11.64
CA TYR A 580 -16.18 18.00 -13.01
C TYR A 580 -14.70 17.66 -12.95
N GLU A 581 -14.38 16.40 -13.27
CA GLU A 581 -13.01 15.93 -13.14
C GLU A 581 -12.19 16.05 -14.42
N GLY A 582 -12.83 16.16 -15.59
CA GLY A 582 -12.08 16.33 -16.81
C GLY A 582 -12.88 16.23 -18.09
N PHE A 583 -12.36 16.84 -19.15
CA PHE A 583 -12.90 16.74 -20.50
C PHE A 583 -11.87 16.06 -21.39
N TYR A 584 -12.34 15.14 -22.24
CA TYR A 584 -11.45 14.33 -23.05
C TYR A 584 -11.92 14.37 -24.50
N LYS A 585 -11.03 14.81 -25.40
CA LYS A 585 -11.38 14.97 -26.80
C LYS A 585 -11.73 13.64 -27.45
N ARG A 586 -11.12 12.55 -26.98
CA ARG A 586 -11.40 11.23 -27.53
C ARG A 586 -11.25 10.21 -26.42
N GLY A 587 -11.89 9.06 -26.63
CA GLY A 587 -11.84 7.99 -25.65
C GLY A 587 -12.62 6.76 -26.06
N PHE A 588 -12.17 5.59 -25.61
CA PHE A 588 -12.87 4.34 -25.87
C PHE A 588 -12.77 3.46 -24.64
N PHE A 589 -13.66 2.47 -24.58
CA PHE A 589 -13.86 1.66 -23.38
C PHE A 589 -13.91 0.19 -23.81
N VAL A 590 -12.82 -0.52 -23.58
CA VAL A 590 -12.65 -1.89 -24.06
C VAL A 590 -13.66 -2.81 -23.38
N THR A 591 -13.50 -3.01 -22.07
CA THR A 591 -14.41 -3.82 -21.28
C THR A 591 -14.70 -3.07 -19.99
N LYS A 592 -15.36 -3.76 -19.05
CA LYS A 592 -15.48 -3.23 -17.70
C LYS A 592 -14.09 -3.08 -17.09
N LYS A 593 -13.85 -1.93 -16.46
CA LYS A 593 -12.59 -1.60 -15.80
C LYS A 593 -11.41 -1.47 -16.76
N LYS A 594 -11.67 -1.33 -18.06
CA LYS A 594 -10.61 -1.17 -19.05
C LYS A 594 -11.00 -0.07 -20.02
N TYR A 595 -10.22 1.02 -20.05
CA TYR A 595 -10.55 2.16 -20.88
C TYR A 595 -9.29 2.95 -21.18
N ALA A 596 -9.44 3.94 -22.07
CA ALA A 596 -8.35 4.86 -22.40
C ALA A 596 -8.95 6.14 -22.95
N VAL A 597 -8.48 7.28 -22.43
CA VAL A 597 -8.96 8.60 -22.87
C VAL A 597 -7.75 9.51 -23.04
N ILE A 598 -7.98 10.63 -23.73
CA ILE A 598 -6.95 11.62 -24.00
C ILE A 598 -7.56 13.01 -23.82
N ASP A 599 -6.85 13.88 -23.12
CA ASP A 599 -7.35 15.21 -22.86
C ASP A 599 -6.96 16.16 -23.99
N GLU A 600 -7.28 17.44 -23.82
CA GLU A 600 -6.97 18.44 -24.83
C GLU A 600 -5.49 18.78 -24.88
N GLU A 601 -4.71 18.38 -23.87
CA GLU A 601 -3.26 18.51 -23.89
C GLU A 601 -2.57 17.27 -24.44
N ASP A 602 -3.31 16.39 -25.10
CA ASP A 602 -2.79 15.14 -25.68
C ASP A 602 -2.20 14.21 -24.62
N LYS A 603 -2.61 14.37 -23.37
CA LYS A 603 -2.17 13.48 -22.30
C LYS A 603 -3.12 12.28 -22.24
N ILE A 604 -2.58 11.09 -22.41
CA ILE A 604 -3.38 9.86 -22.41
C ILE A 604 -3.38 9.27 -21.01
N THR A 605 -4.58 9.03 -20.48
CA THR A 605 -4.75 8.31 -19.22
C THR A 605 -5.60 7.07 -19.48
N THR A 606 -5.15 5.93 -18.94
CA THR A 606 -5.80 4.66 -19.16
C THR A 606 -6.10 3.98 -17.82
N GLY A 607 -6.90 2.93 -17.89
CA GLY A 607 -7.21 2.13 -16.72
C GLY A 607 -7.29 0.66 -17.04
N GLY A 608 -6.62 -0.17 -16.23
CA GLY A 608 -6.73 -1.61 -16.37
C GLY A 608 -6.16 -2.18 -17.65
N LEU A 609 -5.36 -1.40 -18.37
CA LEU A 609 -4.83 -1.87 -19.64
C LEU A 609 -3.56 -2.71 -19.42
N GLU A 610 -3.15 -3.40 -20.47
CA GLU A 610 -2.00 -4.29 -20.38
C GLU A 610 -0.69 -3.55 -20.21
N ILE A 611 -0.64 -2.26 -20.56
CA ILE A 611 0.61 -1.52 -20.45
C ILE A 611 1.04 -1.35 -19.00
N VAL A 612 0.08 -1.40 -18.07
CA VAL A 612 0.38 -1.23 -16.65
C VAL A 612 0.38 -2.54 -15.89
N ARG A 613 0.16 -3.67 -16.57
CA ARG A 613 0.04 -4.96 -15.92
C ARG A 613 1.30 -5.78 -16.11
N ARG A 614 1.66 -6.56 -15.09
CA ARG A 614 2.74 -7.52 -15.20
C ARG A 614 2.27 -8.74 -15.98
N GLY A 615 3.23 -9.42 -16.61
CA GLY A 615 2.93 -10.60 -17.39
C GLY A 615 2.87 -10.40 -18.89
N TRP A 616 3.07 -9.17 -19.37
CA TRP A 616 3.11 -8.87 -20.79
C TRP A 616 4.48 -8.34 -21.16
N SER A 617 5.03 -8.85 -22.26
CA SER A 617 6.35 -8.43 -22.69
C SER A 617 6.37 -6.95 -23.09
N GLU A 618 7.56 -6.39 -23.20
CA GLU A 618 7.69 -4.98 -23.57
C GLU A 618 7.22 -4.74 -25.00
N ILE A 619 7.47 -5.71 -25.90
CA ILE A 619 7.03 -5.56 -27.28
C ILE A 619 5.52 -5.50 -27.36
N ALA A 620 4.82 -6.13 -26.41
CA ALA A 620 3.36 -6.06 -26.39
C ALA A 620 2.89 -4.74 -25.80
N LYS A 621 3.52 -4.30 -24.71
CA LYS A 621 3.13 -3.04 -24.08
C LYS A 621 3.44 -1.85 -24.99
N GLU A 622 4.61 -1.85 -25.62
CA GLU A 622 4.98 -0.74 -26.49
C GLU A 622 4.07 -0.66 -27.71
N THR A 623 3.69 -1.82 -28.27
CA THR A 623 2.79 -1.82 -29.42
C THR A 623 1.41 -1.30 -29.03
N GLN A 624 0.89 -1.72 -27.88
CA GLN A 624 -0.40 -1.21 -27.42
C GLN A 624 -0.36 0.30 -27.20
N ALA A 625 0.74 0.79 -26.61
CA ALA A 625 0.87 2.22 -26.37
C ALA A 625 0.88 3.00 -27.68
N ARG A 626 1.56 2.47 -28.71
CA ARG A 626 1.58 3.14 -30.00
C ARG A 626 0.21 3.10 -30.67
N VAL A 627 -0.50 1.98 -30.52
CA VAL A 627 -1.87 1.91 -31.04
C VAL A 627 -2.77 2.87 -30.29
N LEU A 628 -2.58 2.99 -28.98
CA LEU A 628 -3.33 3.98 -28.20
C LEU A 628 -3.12 5.39 -28.75
N GLU A 629 -1.87 5.72 -29.11
CA GLU A 629 -1.58 7.05 -29.62
C GLU A 629 -2.23 7.28 -30.98
N ALA A 630 -2.19 6.28 -31.87
CA ALA A 630 -2.77 6.44 -33.19
C ALA A 630 -4.27 6.61 -33.14
N LEU A 631 -4.94 5.97 -32.18
CA LEU A 631 -6.39 6.05 -32.10
C LEU A 631 -6.85 7.30 -31.36
N LEU A 632 -6.23 7.60 -30.21
CA LEU A 632 -6.70 8.70 -29.39
C LEU A 632 -6.18 10.05 -29.87
N LYS A 633 -4.90 10.12 -30.24
CA LYS A 633 -4.31 11.40 -30.64
C LYS A 633 -4.62 11.73 -32.08
N ASP A 634 -4.41 10.77 -33.00
CA ASP A 634 -4.57 11.02 -34.43
C ASP A 634 -5.90 10.55 -34.98
N GLY A 635 -6.66 9.76 -34.23
CA GLY A 635 -7.90 9.20 -34.76
C GLY A 635 -7.70 8.36 -36.00
N ASP A 636 -6.55 7.69 -36.12
CA ASP A 636 -6.15 7.00 -37.33
C ASP A 636 -6.15 5.50 -37.05
N VAL A 637 -7.24 4.84 -37.47
CA VAL A 637 -7.33 3.39 -37.29
C VAL A 637 -6.37 2.68 -38.23
N GLU A 638 -6.20 3.20 -39.45
CA GLU A 638 -5.29 2.58 -40.40
C GLU A 638 -3.86 2.61 -39.90
N LYS A 639 -3.47 3.71 -39.24
CA LYS A 639 -2.11 3.79 -38.69
C LYS A 639 -1.91 2.76 -37.58
N ALA A 640 -2.92 2.57 -36.73
CA ALA A 640 -2.82 1.56 -35.68
C ALA A 640 -2.71 0.16 -36.28
N VAL A 641 -3.40 -0.07 -37.41
CA VAL A 641 -3.31 -1.36 -38.08
C VAL A 641 -1.92 -1.54 -38.69
N ARG A 642 -1.37 -0.47 -39.28
CA ARG A 642 -0.03 -0.55 -39.84
C ARG A 642 1.02 -0.82 -38.76
N ILE A 643 0.81 -0.25 -37.57
CA ILE A 643 1.76 -0.45 -36.47
C ILE A 643 1.83 -1.92 -36.09
N VAL A 644 0.67 -2.56 -35.91
CA VAL A 644 0.65 -3.97 -35.55
C VAL A 644 1.23 -4.82 -36.67
N LYS A 645 1.02 -4.42 -37.92
CA LYS A 645 1.60 -5.18 -39.04
C LYS A 645 3.11 -5.06 -39.07
N GLU A 646 3.64 -3.86 -38.81
CA GLU A 646 5.10 -3.69 -38.78
C GLU A 646 5.72 -4.47 -37.63
N VAL A 647 5.04 -4.52 -36.49
CA VAL A 647 5.59 -5.21 -35.32
C VAL A 647 5.60 -6.71 -35.53
N THR A 648 4.47 -7.26 -35.98
CA THR A 648 4.39 -8.71 -36.20
C THR A 648 5.33 -9.17 -37.30
N GLU A 649 5.63 -8.29 -38.26
CA GLU A 649 6.59 -8.64 -39.30
C GLU A 649 8.01 -8.69 -38.74
N LYS A 650 8.36 -7.71 -37.89
CA LYS A 650 9.68 -7.73 -37.26
C LYS A 650 9.85 -8.95 -36.37
N LEU A 651 8.78 -9.37 -35.70
CA LEU A 651 8.84 -10.56 -34.86
C LEU A 651 9.04 -11.82 -35.71
N SER A 652 8.29 -11.93 -36.81
CA SER A 652 8.39 -13.11 -37.66
C SER A 652 9.77 -13.23 -38.30
N LYS A 653 10.43 -12.11 -38.54
CA LYS A 653 11.75 -12.11 -39.17
C LYS A 653 12.87 -11.95 -38.16
N TYR A 654 12.58 -12.11 -36.87
CA TYR A 654 13.59 -12.15 -35.81
C TYR A 654 14.45 -10.87 -35.80
N GLU A 655 13.80 -9.74 -36.02
CA GLU A 655 14.45 -8.43 -35.96
C GLU A 655 14.16 -7.69 -34.67
N VAL A 656 13.39 -8.28 -33.76
CA VAL A 656 13.07 -7.66 -32.48
C VAL A 656 14.08 -8.13 -31.45
N PRO A 657 14.71 -7.24 -30.70
CA PRO A 657 15.67 -7.66 -29.67
C PRO A 657 14.99 -8.50 -28.61
N PRO A 658 15.57 -9.64 -28.24
CA PRO A 658 14.91 -10.54 -27.29
C PRO A 658 14.66 -9.93 -25.92
N GLU A 659 15.35 -8.84 -25.58
CA GLU A 659 15.14 -8.21 -24.27
C GLU A 659 13.73 -7.64 -24.15
N LYS A 660 13.11 -7.28 -25.27
CA LYS A 660 11.74 -6.79 -25.27
C LYS A 660 10.70 -7.90 -25.22
N LEU A 661 11.14 -9.16 -25.23
CA LEU A 661 10.23 -10.30 -25.18
C LEU A 661 10.18 -10.95 -23.80
N VAL A 662 10.85 -10.37 -22.81
CA VAL A 662 10.90 -10.96 -21.48
C VAL A 662 9.59 -10.71 -20.75
N ILE A 663 9.02 -11.76 -20.18
CA ILE A 663 7.80 -11.69 -19.40
C ILE A 663 8.16 -11.84 -17.93
N HIS A 664 7.58 -10.98 -17.08
CA HIS A 664 7.87 -10.97 -15.65
C HIS A 664 6.61 -11.41 -14.91
N GLU A 665 6.75 -12.45 -14.08
CA GLU A 665 5.66 -12.92 -13.23
C GLU A 665 6.24 -13.33 -11.89
N GLN A 666 5.49 -13.07 -10.82
CA GLN A 666 5.95 -13.27 -9.46
C GLN A 666 5.47 -14.60 -8.90
N ILE A 667 6.36 -15.29 -8.19
CA ILE A 667 5.98 -16.48 -7.44
C ILE A 667 5.35 -16.04 -6.13
N THR A 668 4.17 -16.57 -5.83
CA THR A 668 3.36 -16.09 -4.72
C THR A 668 3.34 -17.04 -3.52
N ARG A 669 3.99 -18.18 -3.61
CA ARG A 669 3.88 -19.20 -2.56
C ARG A 669 5.05 -20.15 -2.68
N ASP A 670 5.08 -21.15 -1.79
CA ASP A 670 6.03 -22.24 -1.92
C ASP A 670 5.70 -23.05 -3.16
N LEU A 671 6.73 -23.40 -3.94
CA LEU A 671 6.52 -24.08 -5.21
C LEU A 671 5.71 -25.37 -5.06
N ARG A 672 5.76 -25.98 -3.88
CA ARG A 672 4.98 -27.19 -3.64
C ARG A 672 3.50 -26.92 -3.49
N ASP A 673 3.10 -25.67 -3.23
CA ASP A 673 1.71 -25.33 -3.00
C ASP A 673 0.98 -24.91 -4.27
N TYR A 674 1.62 -25.01 -5.42
CA TYR A 674 0.97 -24.68 -6.69
C TYR A 674 0.18 -25.88 -7.18
N LYS A 675 -1.13 -25.69 -7.41
CA LYS A 675 -1.95 -26.78 -7.92
C LYS A 675 -1.83 -26.92 -9.44
N ALA A 676 -1.57 -25.82 -10.14
CA ALA A 676 -1.36 -25.83 -11.57
C ALA A 676 0.04 -25.29 -11.88
N THR A 677 0.63 -25.77 -12.96
CA THR A 677 1.95 -25.34 -13.40
C THR A 677 1.82 -24.48 -14.66
N GLY A 678 2.16 -23.21 -14.54
CA GLY A 678 2.19 -22.31 -15.66
C GLY A 678 3.60 -22.11 -16.16
N PRO A 679 3.77 -21.18 -17.10
CA PRO A 679 5.14 -20.91 -17.61
C PRO A 679 6.09 -20.42 -16.52
N HIS A 680 5.66 -19.48 -15.68
CA HIS A 680 6.58 -18.93 -14.69
C HIS A 680 6.83 -19.91 -13.54
N VAL A 681 5.87 -20.78 -13.25
CA VAL A 681 6.09 -21.79 -12.23
C VAL A 681 7.03 -22.88 -12.74
N ALA A 682 6.86 -23.29 -14.00
CA ALA A 682 7.71 -24.32 -14.57
C ALA A 682 9.16 -23.86 -14.64
N VAL A 683 9.39 -22.59 -14.97
CA VAL A 683 10.74 -22.06 -14.97
C VAL A 683 11.30 -22.01 -13.55
N ALA A 684 10.46 -21.60 -12.59
CA ALA A 684 10.90 -21.55 -11.20
C ALA A 684 11.23 -22.95 -10.67
N LYS A 685 10.37 -23.93 -10.97
CA LYS A 685 10.63 -25.29 -10.53
C LYS A 685 11.89 -25.85 -11.17
N ARG A 686 12.16 -25.47 -12.43
CA ARG A 686 13.38 -25.92 -13.09
C ARG A 686 14.61 -25.26 -12.47
N LEU A 687 14.52 -23.98 -12.14
CA LEU A 687 15.65 -23.30 -11.51
C LEU A 687 15.91 -23.84 -10.11
N ALA A 688 14.84 -24.12 -9.36
CA ALA A 688 15.01 -24.69 -8.02
C ALA A 688 15.69 -26.04 -8.07
N ALA A 689 15.47 -26.82 -9.13
CA ALA A 689 16.14 -28.10 -9.26
C ALA A 689 17.63 -27.94 -9.50
N ARG A 690 18.05 -26.82 -10.06
CA ARG A 690 19.46 -26.53 -10.29
C ARG A 690 20.14 -25.90 -9.08
N GLY A 691 19.40 -25.68 -7.99
CA GLY A 691 19.94 -25.08 -6.80
C GLY A 691 19.51 -23.64 -6.54
N VAL A 692 18.84 -23.01 -7.50
CA VAL A 692 18.39 -21.64 -7.32
C VAL A 692 17.32 -21.58 -6.24
N LYS A 693 17.44 -20.59 -5.35
CA LYS A 693 16.50 -20.41 -4.25
C LYS A 693 15.31 -19.60 -4.74
N ILE A 694 14.15 -20.23 -4.82
CA ILE A 694 12.90 -19.57 -5.21
C ILE A 694 12.05 -19.40 -3.95
N ARG A 695 11.67 -18.17 -3.67
CA ARG A 695 10.88 -17.82 -2.50
C ARG A 695 9.65 -17.04 -2.92
N PRO A 696 8.61 -17.01 -2.08
CA PRO A 696 7.46 -16.14 -2.37
C PRO A 696 7.90 -14.68 -2.51
N GLY A 697 7.64 -14.13 -3.68
CA GLY A 697 8.10 -12.80 -4.05
C GLY A 697 9.15 -12.78 -5.14
N THR A 698 9.71 -13.93 -5.48
CA THR A 698 10.69 -14.01 -6.56
C THR A 698 10.03 -13.71 -7.89
N VAL A 699 10.63 -12.80 -8.66
CA VAL A 699 10.12 -12.43 -9.97
C VAL A 699 10.80 -13.31 -11.02
N ILE A 700 10.00 -14.07 -11.75
CA ILE A 700 10.51 -14.94 -12.82
C ILE A 700 10.53 -14.13 -14.11
N SER A 701 11.71 -14.00 -14.71
CA SER A 701 11.89 -13.29 -15.97
C SER A 701 12.23 -14.34 -17.03
N TYR A 702 11.24 -14.72 -17.82
CA TYR A 702 11.40 -15.79 -18.79
C TYR A 702 11.13 -15.29 -20.21
N ILE A 703 11.47 -16.14 -21.17
CA ILE A 703 11.25 -15.87 -22.60
C ILE A 703 10.84 -17.18 -23.26
N VAL A 704 9.84 -17.10 -24.12
CA VAL A 704 9.26 -18.30 -24.74
C VAL A 704 10.03 -18.61 -26.02
N LEU A 705 10.56 -19.82 -26.11
CA LEU A 705 11.37 -20.25 -27.24
C LEU A 705 10.54 -21.06 -28.23
N LYS A 706 11.01 -21.08 -29.48
CA LYS A 706 10.40 -21.90 -30.50
C LYS A 706 10.68 -23.37 -30.22
N GLY A 707 9.62 -24.17 -30.06
CA GLY A 707 9.77 -25.57 -29.76
C GLY A 707 8.48 -26.35 -29.82
N SER A 708 8.31 -27.29 -28.89
CA SER A 708 7.12 -28.12 -28.83
C SER A 708 6.54 -28.10 -27.43
N GLY A 709 5.33 -28.63 -27.30
CA GLY A 709 4.68 -28.73 -26.01
C GLY A 709 3.94 -27.47 -25.62
N ARG A 710 3.64 -27.38 -24.32
CA ARG A 710 2.96 -26.22 -23.78
C ARG A 710 3.90 -25.03 -23.71
N ILE A 711 3.34 -23.86 -23.38
CA ILE A 711 4.14 -22.65 -23.28
C ILE A 711 5.17 -22.79 -22.17
N GLY A 712 4.78 -23.42 -21.05
CA GLY A 712 5.72 -23.65 -19.97
C GLY A 712 6.84 -24.60 -20.37
N ASP A 713 6.58 -25.51 -21.31
CA ASP A 713 7.62 -26.39 -21.80
C ASP A 713 8.67 -25.63 -22.62
N ARG A 714 8.25 -24.53 -23.26
CA ARG A 714 9.12 -23.77 -24.15
C ARG A 714 9.77 -22.56 -23.47
N ALA A 715 9.36 -22.20 -22.27
CA ALA A 715 9.89 -21.03 -21.58
C ALA A 715 11.17 -21.38 -20.84
N ILE A 716 12.09 -20.42 -20.80
CA ILE A 716 13.35 -20.56 -20.07
C ILE A 716 13.66 -19.22 -19.41
N SER A 717 14.36 -19.28 -18.28
CA SER A 717 14.80 -18.07 -17.61
C SER A 717 15.69 -17.24 -18.55
N PHE A 718 15.47 -15.94 -18.57
CA PHE A 718 16.15 -15.10 -19.55
C PHE A 718 17.65 -15.03 -19.31
N ASP A 719 18.11 -15.19 -18.07
CA ASP A 719 19.55 -15.21 -17.83
C ASP A 719 20.21 -16.44 -18.44
N GLU A 720 19.45 -17.48 -18.75
CA GLU A 720 19.95 -18.65 -19.46
C GLU A 720 19.80 -18.54 -20.97
N PHE A 721 19.26 -17.43 -21.47
CA PHE A 721 19.01 -17.28 -22.90
C PHE A 721 20.30 -16.92 -23.62
N ASP A 722 20.67 -17.73 -24.60
CA ASP A 722 21.81 -17.46 -25.48
C ASP A 722 21.29 -17.30 -26.91
N PRO A 723 21.37 -16.10 -27.50
CA PRO A 723 20.79 -15.91 -28.84
C PRO A 723 21.49 -16.70 -29.94
N ALA A 724 22.63 -17.33 -29.65
CA ALA A 724 23.32 -18.12 -30.66
C ALA A 724 22.74 -19.52 -30.80
N LYS A 725 22.18 -20.07 -29.72
CA LYS A 725 21.63 -21.41 -29.73
C LYS A 725 20.11 -21.46 -29.52
N HIS A 726 19.48 -20.35 -29.18
CA HIS A 726 18.05 -20.32 -28.90
C HIS A 726 17.34 -19.42 -29.90
N LYS A 727 16.19 -19.89 -30.39
CA LYS A 727 15.33 -19.14 -31.30
C LYS A 727 14.00 -18.91 -30.61
N TYR A 728 13.67 -17.65 -30.36
CA TYR A 728 12.44 -17.35 -29.63
C TYR A 728 11.21 -17.65 -30.48
N ASP A 729 10.10 -17.92 -29.80
CA ASP A 729 8.85 -18.31 -30.45
C ASP A 729 8.19 -17.08 -31.05
N ALA A 730 8.52 -16.80 -32.31
CA ALA A 730 7.93 -15.64 -32.98
C ALA A 730 6.42 -15.77 -33.10
N GLU A 731 5.93 -16.98 -33.34
CA GLU A 731 4.48 -17.18 -33.48
C GLU A 731 3.76 -16.95 -32.16
N TYR A 732 4.39 -17.32 -31.04
CA TYR A 732 3.76 -17.10 -29.74
C TYR A 732 3.63 -15.61 -29.44
N TYR A 733 4.74 -14.87 -29.60
CA TYR A 733 4.72 -13.45 -29.29
C TYR A 733 3.83 -12.65 -30.21
N ILE A 734 3.57 -13.16 -31.41
CA ILE A 734 2.58 -12.52 -32.29
C ILE A 734 1.17 -12.83 -31.80
N GLU A 735 0.85 -14.11 -31.66
CA GLU A 735 -0.53 -14.53 -31.42
C GLU A 735 -0.95 -14.37 -29.97
N ASN A 736 -0.02 -14.51 -29.01
CA ASN A 736 -0.38 -14.52 -27.60
C ASN A 736 0.01 -13.25 -26.85
N GLN A 737 0.97 -12.49 -27.35
CA GLN A 737 1.43 -11.29 -26.66
C GLN A 737 1.04 -9.99 -27.36
N VAL A 738 1.35 -9.85 -28.65
CA VAL A 738 1.10 -8.59 -29.33
C VAL A 738 -0.36 -8.46 -29.74
N LEU A 739 -0.90 -9.53 -30.37
CA LEU A 739 -2.23 -9.42 -30.98
C LEU A 739 -3.36 -9.21 -29.97
N PRO A 740 -3.49 -10.02 -28.90
CA PRO A 740 -4.70 -9.95 -28.06
C PRO A 740 -4.97 -8.56 -27.50
N PRO A 741 -3.96 -7.85 -26.95
CA PRO A 741 -4.27 -6.52 -26.39
C PRO A 741 -4.78 -5.53 -27.42
N VAL A 742 -4.22 -5.54 -28.64
CA VAL A 742 -4.70 -4.60 -29.65
C VAL A 742 -5.94 -5.12 -30.36
N GLU A 743 -6.11 -6.45 -30.42
CA GLU A 743 -7.31 -7.01 -31.02
C GLU A 743 -8.55 -6.57 -30.26
N ARG A 744 -8.52 -6.68 -28.93
CA ARG A 744 -9.66 -6.27 -28.12
C ARG A 744 -9.91 -4.77 -28.21
N ILE A 745 -8.85 -3.98 -28.39
CA ILE A 745 -9.01 -2.53 -28.52
C ILE A 745 -9.74 -2.20 -29.82
N LEU A 746 -9.29 -2.78 -30.93
CA LEU A 746 -9.91 -2.48 -32.22
C LEU A 746 -11.34 -3.02 -32.30
N ARG A 747 -11.63 -4.13 -31.63
CA ARG A 747 -13.01 -4.60 -31.57
C ARG A 747 -13.89 -3.65 -30.77
N ALA A 748 -13.36 -3.12 -29.66
CA ALA A 748 -14.16 -2.25 -28.80
C ALA A 748 -14.47 -0.92 -29.47
N CYS A 749 -13.60 -0.45 -30.35
CA CYS A 749 -13.85 0.78 -31.09
C CYS A 749 -14.82 0.59 -32.26
N GLY A 750 -15.25 -0.63 -32.53
CA GLY A 750 -16.17 -0.89 -33.61
C GLY A 750 -15.53 -1.33 -34.90
N TYR A 751 -14.36 -1.95 -34.84
CA TYR A 751 -13.64 -2.39 -36.01
C TYR A 751 -13.26 -3.86 -35.86
N ARG A 752 -13.22 -4.54 -36.99
CA ARG A 752 -12.87 -5.96 -37.00
C ARG A 752 -11.42 -6.16 -36.58
N LYS A 753 -11.16 -7.28 -35.91
CA LYS A 753 -9.82 -7.64 -35.48
C LYS A 753 -9.07 -8.44 -36.53
N GLU A 754 -9.59 -8.51 -37.75
CA GLU A 754 -9.07 -9.42 -38.76
C GLU A 754 -7.85 -8.82 -39.44
N ASP A 755 -6.92 -9.70 -39.83
CA ASP A 755 -5.73 -9.34 -40.61
C ASP A 755 -4.98 -8.18 -39.96
N LEU A 756 -4.59 -8.38 -38.70
CA LEU A 756 -3.76 -7.42 -38.01
C LEU A 756 -2.30 -7.81 -38.05
N ARG A 757 -2.00 -9.10 -38.09
CA ARG A 757 -0.63 -9.59 -38.08
C ARG A 757 -0.08 -9.72 -39.49
N TYR A 758 1.24 -9.71 -39.59
CA TYR A 758 1.93 -9.95 -40.85
C TYR A 758 1.91 -11.43 -41.17
N GLN A 759 1.57 -11.77 -42.42
CA GLN A 759 1.55 -13.15 -42.87
C GLN A 759 2.09 -13.22 -44.30
N LYS A 760 2.78 -14.32 -44.59
CA LYS A 760 3.29 -14.57 -45.94
C LYS A 760 2.67 -15.85 -46.49
P TFT C 12 -5.53 0.13 -12.77
OP1 TFT C 12 -4.66 0.54 -11.63
OP2 TFT C 12 -5.68 1.07 -13.92
O3T TFT C 12 -7.23 0.17 -11.81
N1 TFT C 12 -9.76 -1.47 -9.88
C6 TFT C 12 -8.41 -1.59 -9.46
C2 TFT C 12 -10.87 -1.91 -9.09
O2 TFT C 12 -12.04 -1.81 -9.45
N3 TFT C 12 -10.54 -2.51 -7.82
C4 TFT C 12 -9.17 -2.64 -7.39
O4 TFT C 12 -8.97 -3.16 -6.28
C5 TFT C 12 -8.05 -2.15 -8.26
C5M TFT C 12 -6.60 -2.33 -7.70
C2T TFT C 12 -9.51 0.65 -11.42
C4T TFT C 12 -8.94 -0.82 -13.29
O4T TFT C 12 -9.66 -1.61 -12.31
C1T TFT C 12 -10.12 -0.79 -11.31
C3T TFT C 12 -8.34 0.39 -12.47
O2T TFT C 12 -10.40 1.60 -11.93
P FA2 C 13 -10.22 3.19 -11.81
OP1 FA2 C 13 -10.98 3.87 -12.93
OP2 FA2 C 13 -8.76 3.54 -11.69
O3' FA2 C 13 -10.95 3.78 -10.25
N9 FA2 C 13 -11.69 1.64 -7.53
C4 FA2 C 13 -11.73 0.66 -6.49
N3 FA2 C 13 -12.85 0.02 -5.91
C2 FA2 C 13 -12.53 -0.93 -4.89
N1 FA2 C 13 -11.24 -1.22 -4.47
C6 FA2 C 13 -10.13 -0.58 -5.04
N6 FA2 C 13 -8.83 -0.89 -4.59
C5 FA2 C 13 -10.37 0.41 -6.10
N7 FA2 C 13 -9.52 1.23 -6.87
C8 FA2 C 13 -10.32 1.94 -7.70
C2' FA2 C 13 -12.67 3.83 -8.54
C4' FA2 C 13 -13.09 2.65 -10.63
O4' FA2 C 13 -13.06 1.61 -9.51
C1' FA2 C 13 -12.86 2.29 -8.32
C3' FA2 C 13 -12.33 3.90 -10.11
O2' FA2 C 13 -13.93 4.49 -8.49
MG MG D . -26.46 18.90 -2.90
MG MG E . 7.54 -0.54 18.11
MG MG F . -16.70 -11.71 3.57
MG MG G . 18.49 -1.09 -2.61
#